data_5S9W
#
_entry.id   5S9W
#
_cell.length_a   79.650
_cell.length_b   109.110
_cell.length_c   111.970
_cell.angle_alpha   90.000
_cell.angle_beta   90.000
_cell.angle_gamma   90.000
#
_symmetry.space_group_name_H-M   'P 21 21 21'
#
loop_
_entity.id
_entity.type
_entity.pdbx_description
1 polymer 'N(1),N(8)-bis(glutathionyl)spermidine reductase'
2 non-polymer 'FLAVIN-ADENINE DINUCLEOTIDE'
3 non-polymer 'DIMETHYL SULFOXIDE'
4 non-polymer ~{N}-[2-(4-fluorophenyl)ethyl]furan-2-carboxamide
5 non-polymer 'MAGNESIUM ION'
6 non-polymer 'BROMIDE ION'
7 water water
#
_entity_poly.entity_id   1
_entity_poly.type   'polypeptide(L)'
_entity_poly.pdbx_seq_one_letter_code
;GSHMSKAFDLVVIGAGSGGLEAGWNAATLYGKRVAVVDVQTSHGPPFYAALGGTCVNVGCVPKKLMVTGAQYMDHLRESA
GFGWEFDGSSVKANWKKLIAAKNEAVLDINKSYEGMFNDTEGLDFFLGWGSLESKNVVVVRETADPKSAVKERLQADHIL
LATGSWPQMPAIPGIEHCISSNEAFYLPEPPRRVLTVGGGFISVEFAGIFNAYKPPGGKVTLCYRNNLILRGFDETIREE
VTKQLTANGIEIMTNENPAKVSLNTDGSKHVTFESGKTLDVDVVMMAIGRIPRTNDLQLGNVGVKLTPKGGVQVDEFSRT
NVPNIYAIGDITDRLMLTPVAINEGAALVDTVFGNKPRKTDHTRVASAVFSIPPIGTCGLIEEVAAKEFEKVAVYMSSFT
PLMHNISGSKYKKFVAKIVTNHSDGTVLGVHLLGDGAPEIIQAVGVCLRLNAKISDFYNTIGVHPTSAEELCSMRTPSYY
YVKGEKMEKLPDSNL
;
_entity_poly.pdbx_strand_id   A,B
#
# COMPACT_ATOMS: atom_id res chain seq x y z
N LYS A 6 -5.24 -27.00 -38.05
CA LYS A 6 -3.77 -27.36 -37.97
C LYS A 6 -2.92 -26.15 -38.40
N ALA A 7 -3.41 -25.39 -39.38
CA ALA A 7 -2.85 -24.09 -39.81
C ALA A 7 -3.26 -23.03 -38.79
N PHE A 8 -2.30 -22.24 -38.32
CA PHE A 8 -2.52 -21.18 -37.30
C PHE A 8 -1.77 -19.90 -37.68
N ASP A 9 -2.48 -18.77 -37.59
CA ASP A 9 -1.87 -17.41 -37.64
C ASP A 9 -0.67 -17.38 -36.69
N LEU A 10 -0.87 -17.89 -35.47
CA LEU A 10 0.11 -17.82 -34.36
C LEU A 10 0.09 -19.14 -33.57
N VAL A 11 1.23 -19.80 -33.48
CA VAL A 11 1.44 -20.90 -32.48
C VAL A 11 2.30 -20.32 -31.36
N VAL A 12 1.89 -20.60 -30.14
CA VAL A 12 2.58 -20.18 -28.89
C VAL A 12 2.99 -21.45 -28.16
N ILE A 13 4.27 -21.55 -27.83
CA ILE A 13 4.84 -22.63 -26.99
C ILE A 13 5.04 -22.05 -25.59
N GLY A 14 4.22 -22.51 -24.65
CA GLY A 14 4.12 -22.05 -23.27
C GLY A 14 2.85 -21.27 -23.06
N ALA A 15 1.89 -21.83 -22.30
CA ALA A 15 0.63 -21.16 -21.95
C ALA A 15 0.84 -20.44 -20.62
N GLY A 16 1.88 -19.61 -20.54
CA GLY A 16 2.23 -18.87 -19.32
C GLY A 16 1.91 -17.39 -19.40
N SER A 17 2.51 -16.60 -18.51
CA SER A 17 2.21 -15.16 -18.33
C SER A 17 2.24 -14.46 -19.71
N GLY A 18 3.37 -14.55 -20.41
CA GLY A 18 3.58 -13.95 -21.74
C GLY A 18 2.77 -14.63 -22.81
N GLY A 19 2.74 -15.97 -22.81
CA GLY A 19 2.11 -16.76 -23.89
C GLY A 19 0.61 -16.54 -23.95
N LEU A 20 -0.06 -16.67 -22.81
CA LEU A 20 -1.53 -16.47 -22.76
C LEU A 20 -1.89 -15.03 -23.15
N GLU A 21 -1.15 -14.03 -22.66
CA GLU A 21 -1.48 -12.62 -22.97
C GLU A 21 -1.48 -12.47 -24.50
N ALA A 22 -0.40 -12.90 -25.16
CA ALA A 22 -0.19 -12.85 -26.62
C ALA A 22 -1.30 -13.66 -27.32
N GLY A 23 -1.55 -14.86 -26.82
CA GLY A 23 -2.59 -15.77 -27.31
C GLY A 23 -3.98 -15.14 -27.32
N TRP A 24 -4.47 -14.75 -26.14
N TRP A 24 -4.47 -14.75 -26.13
CA TRP A 24 -5.84 -14.19 -25.94
CA TRP A 24 -5.82 -14.18 -25.90
C TRP A 24 -5.99 -12.87 -26.70
C TRP A 24 -5.99 -12.88 -26.68
N ASN A 25 -4.94 -12.06 -26.76
CA ASN A 25 -4.99 -10.74 -27.45
C ASN A 25 -5.16 -10.98 -28.96
N ALA A 26 -4.31 -11.82 -29.54
CA ALA A 26 -4.31 -12.18 -30.97
C ALA A 26 -5.71 -12.67 -31.38
N ALA A 27 -6.31 -13.55 -30.57
CA ALA A 27 -7.64 -14.16 -30.82
C ALA A 27 -8.71 -13.08 -30.68
N THR A 28 -8.83 -12.47 -29.51
CA THR A 28 -9.99 -11.62 -29.15
C THR A 28 -9.87 -10.21 -29.76
N LEU A 29 -8.67 -9.65 -29.90
CA LEU A 29 -8.51 -8.24 -30.36
C LEU A 29 -8.46 -8.18 -31.89
N TYR A 30 -7.90 -9.20 -32.54
CA TYR A 30 -7.57 -9.17 -33.98
C TYR A 30 -8.12 -10.41 -34.70
N GLY A 31 -9.13 -11.06 -34.12
CA GLY A 31 -9.81 -12.24 -34.69
C GLY A 31 -8.84 -13.21 -35.35
N LYS A 32 -7.62 -13.34 -34.82
CA LYS A 32 -6.59 -14.24 -35.41
C LYS A 32 -6.78 -15.66 -34.84
N ARG A 33 -6.14 -16.65 -35.46
CA ARG A 33 -6.32 -18.08 -35.12
C ARG A 33 -5.04 -18.59 -34.47
N VAL A 34 -5.16 -19.07 -33.23
CA VAL A 34 -4.02 -19.25 -32.28
C VAL A 34 -4.04 -20.65 -31.67
N ALA A 35 -2.90 -21.33 -31.69
CA ALA A 35 -2.63 -22.54 -30.89
C ALA A 35 -1.72 -22.16 -29.71
N VAL A 36 -2.05 -22.65 -28.52
CA VAL A 36 -1.14 -22.58 -27.33
C VAL A 36 -0.82 -23.99 -26.84
N VAL A 37 0.47 -24.31 -26.78
CA VAL A 37 1.06 -25.62 -26.33
C VAL A 37 1.51 -25.45 -24.88
N ASP A 38 1.05 -26.33 -23.99
CA ASP A 38 1.68 -26.52 -22.67
C ASP A 38 1.66 -28.02 -22.33
N VAL A 39 2.55 -28.42 -21.43
CA VAL A 39 2.84 -29.84 -21.09
C VAL A 39 1.91 -30.34 -19.98
N GLN A 40 1.01 -29.51 -19.45
CA GLN A 40 0.23 -29.87 -18.24
C GLN A 40 -0.92 -28.87 -18.07
N THR A 41 -2.11 -29.35 -17.66
CA THR A 41 -3.33 -28.50 -17.64
C THR A 41 -3.54 -27.92 -16.25
N SER A 42 -2.87 -28.48 -15.24
CA SER A 42 -2.99 -27.98 -13.85
C SER A 42 -1.67 -28.19 -13.12
N HIS A 43 -1.55 -27.57 -11.97
CA HIS A 43 -0.29 -27.35 -11.22
C HIS A 43 0.25 -28.68 -10.68
N GLY A 44 1.56 -28.71 -10.40
CA GLY A 44 2.18 -29.70 -9.49
C GLY A 44 3.04 -30.72 -10.25
N PRO A 45 3.61 -31.72 -9.54
CA PRO A 45 4.42 -32.73 -10.20
C PRO A 45 3.59 -33.40 -11.29
N PRO A 46 4.19 -33.90 -12.39
CA PRO A 46 5.65 -33.89 -12.57
C PRO A 46 6.36 -32.62 -13.11
N PHE A 47 5.65 -31.77 -13.85
CA PHE A 47 6.25 -30.66 -14.65
C PHE A 47 6.10 -29.30 -13.94
N TYR A 48 5.26 -29.25 -12.90
CA TYR A 48 5.15 -28.14 -11.91
C TYR A 48 4.41 -26.96 -12.53
N ALA A 49 5.00 -26.31 -13.54
CA ALA A 49 4.32 -25.31 -14.39
C ALA A 49 3.31 -26.03 -15.27
N ALA A 50 2.31 -25.28 -15.73
CA ALA A 50 1.17 -25.81 -16.48
C ALA A 50 0.43 -24.61 -17.07
N LEU A 51 -0.69 -24.87 -17.76
CA LEU A 51 -1.71 -23.87 -18.14
C LEU A 51 -1.73 -22.74 -17.10
N GLY A 52 -1.41 -21.51 -17.52
CA GLY A 52 -1.31 -20.33 -16.64
C GLY A 52 0.14 -19.90 -16.44
N GLY A 53 1.07 -20.85 -16.44
CA GLY A 53 2.52 -20.61 -16.43
C GLY A 53 3.10 -20.73 -15.04
N THR A 54 4.37 -20.34 -14.88
CA THR A 54 5.18 -20.53 -13.67
C THR A 54 4.59 -19.67 -12.54
N CYS A 55 4.24 -18.43 -12.86
CA CYS A 55 3.68 -17.49 -11.86
C CYS A 55 2.44 -18.11 -11.21
N VAL A 56 1.47 -18.54 -12.00
CA VAL A 56 0.17 -19.08 -11.52
C VAL A 56 0.40 -20.36 -10.69
N ASN A 57 1.23 -21.27 -11.19
CA ASN A 57 1.34 -22.68 -10.71
C ASN A 57 2.36 -22.81 -9.58
N VAL A 58 3.56 -22.25 -9.74
CA VAL A 58 4.73 -22.41 -8.83
C VAL A 58 5.54 -21.11 -8.76
N GLY A 59 4.88 -19.97 -8.59
CA GLY A 59 5.55 -18.66 -8.55
C GLY A 59 4.76 -17.63 -7.78
N CYS A 60 4.61 -16.43 -8.33
CA CYS A 60 4.02 -15.26 -7.64
C CYS A 60 2.79 -15.68 -6.80
N VAL A 61 1.86 -16.38 -7.41
CA VAL A 61 0.48 -16.58 -6.85
C VAL A 61 0.59 -17.43 -5.58
N PRO A 62 1.02 -18.71 -5.66
CA PRO A 62 1.18 -19.53 -4.46
C PRO A 62 2.18 -18.92 -3.47
N LYS A 63 3.27 -18.32 -3.96
CA LYS A 63 4.32 -17.64 -3.14
C LYS A 63 3.62 -16.57 -2.28
N LYS A 64 2.84 -15.70 -2.91
CA LYS A 64 2.18 -14.58 -2.19
C LYS A 64 1.18 -15.15 -1.18
N LEU A 65 0.40 -16.16 -1.54
CA LEU A 65 -0.54 -16.77 -0.58
C LEU A 65 0.26 -17.33 0.61
N MET A 66 1.43 -17.88 0.34
CA MET A 66 2.20 -18.56 1.40
C MET A 66 2.94 -17.53 2.24
N VAL A 67 3.41 -16.45 1.63
CA VAL A 67 3.98 -15.31 2.39
C VAL A 67 2.87 -14.68 3.25
N THR A 68 1.64 -14.52 2.75
CA THR A 68 0.46 -14.02 3.51
C THR A 68 0.24 -14.95 4.71
N GLY A 69 0.20 -16.26 4.49
CA GLY A 69 0.22 -17.23 5.60
C GLY A 69 1.30 -16.90 6.62
N ALA A 70 2.54 -16.70 6.17
CA ALA A 70 3.73 -16.55 7.06
C ALA A 70 3.58 -15.29 7.90
N GLN A 71 2.92 -14.28 7.34
CA GLN A 71 2.75 -12.95 7.97
C GLN A 71 1.98 -13.07 9.30
N TYR A 72 1.14 -14.10 9.50
CA TYR A 72 0.35 -14.26 10.74
C TYR A 72 1.27 -14.53 11.93
N MET A 73 2.48 -15.07 11.72
CA MET A 73 3.42 -15.27 12.86
C MET A 73 3.68 -13.90 13.49
N ASP A 74 3.93 -12.89 12.64
CA ASP A 74 4.14 -11.51 13.12
C ASP A 74 2.82 -10.97 13.72
N HIS A 75 1.70 -11.06 12.99
CA HIS A 75 0.41 -10.45 13.43
C HIS A 75 0.03 -10.96 14.83
N LEU A 76 0.08 -12.27 15.03
CA LEU A 76 -0.27 -12.95 16.31
C LEU A 76 0.59 -12.35 17.41
N ARG A 77 1.91 -12.26 17.21
CA ARG A 77 2.82 -11.71 18.23
C ARG A 77 2.43 -10.25 18.44
N GLU A 78 2.35 -9.50 17.33
CA GLU A 78 2.24 -8.03 17.29
C GLU A 78 0.92 -7.58 17.91
N SER A 79 -0.11 -8.43 17.85
CA SER A 79 -1.46 -8.13 18.35
C SER A 79 -1.39 -7.82 19.86
N ALA A 80 -0.44 -8.40 20.62
CA ALA A 80 -0.35 -8.26 22.10
C ALA A 80 -0.15 -6.79 22.48
N GLY A 81 0.71 -6.07 21.76
CA GLY A 81 0.91 -4.62 21.95
C GLY A 81 -0.38 -3.83 21.85
N PHE A 82 -1.34 -4.29 21.04
CA PHE A 82 -2.64 -3.61 20.81
C PHE A 82 -3.70 -4.12 21.80
N GLY A 83 -3.31 -4.99 22.73
CA GLY A 83 -4.18 -5.49 23.81
C GLY A 83 -4.80 -6.82 23.49
N TRP A 84 -4.38 -7.51 22.43
CA TRP A 84 -4.93 -8.86 22.14
C TRP A 84 -4.25 -9.87 23.06
N GLU A 85 -5.10 -10.68 23.70
CA GLU A 85 -4.71 -11.68 24.70
C GLU A 85 -5.23 -13.02 24.19
N PHE A 86 -4.35 -14.01 24.22
CA PHE A 86 -4.74 -15.41 23.97
C PHE A 86 -3.62 -16.28 24.51
N ASP A 87 -3.86 -17.58 24.44
CA ASP A 87 -2.89 -18.60 24.86
C ASP A 87 -1.84 -18.77 23.75
N GLY A 88 -0.69 -18.10 23.90
CA GLY A 88 0.44 -18.21 22.96
C GLY A 88 0.92 -19.65 22.87
N SER A 89 0.89 -20.39 23.99
CA SER A 89 1.28 -21.82 24.08
C SER A 89 0.41 -22.70 23.16
N SER A 90 -0.82 -22.28 22.83
CA SER A 90 -1.76 -23.06 21.96
C SER A 90 -1.54 -22.80 20.47
N VAL A 91 -0.65 -21.87 20.09
CA VAL A 91 -0.48 -21.42 18.68
C VAL A 91 0.30 -22.46 17.89
N LYS A 92 -0.28 -22.98 16.80
CA LYS A 92 0.41 -23.95 15.92
C LYS A 92 0.19 -23.47 14.49
N ALA A 93 1.21 -23.64 13.64
CA ALA A 93 1.19 -23.28 12.21
C ALA A 93 1.01 -24.56 11.42
N ASN A 94 -0.20 -24.78 10.91
CA ASN A 94 -0.53 -26.01 10.15
C ASN A 94 -0.16 -25.80 8.69
N TRP A 95 1.05 -26.20 8.34
CA TRP A 95 1.62 -26.18 6.97
C TRP A 95 0.71 -26.93 6.00
N LYS A 96 0.25 -28.11 6.39
CA LYS A 96 -0.61 -28.98 5.54
C LYS A 96 -1.85 -28.21 5.07
N LYS A 97 -2.51 -27.52 6.01
N LYS A 97 -2.51 -27.49 5.97
CA LYS A 97 -3.70 -26.66 5.74
CA LYS A 97 -3.74 -26.72 5.63
C LYS A 97 -3.33 -25.61 4.68
C LYS A 97 -3.35 -25.58 4.67
N LEU A 98 -2.24 -24.89 4.91
CA LEU A 98 -1.76 -23.81 4.00
C LEU A 98 -1.58 -24.36 2.58
N ILE A 99 -0.92 -25.52 2.45
CA ILE A 99 -0.58 -26.10 1.13
C ILE A 99 -1.88 -26.52 0.43
N ALA A 100 -2.81 -27.14 1.17
CA ALA A 100 -4.12 -27.57 0.63
C ALA A 100 -4.87 -26.34 0.10
N ALA A 101 -4.88 -25.26 0.88
CA ALA A 101 -5.59 -24.01 0.51
C ALA A 101 -4.94 -23.43 -0.77
N LYS A 102 -3.60 -23.30 -0.79
CA LYS A 102 -2.87 -22.81 -1.99
C LYS A 102 -3.22 -23.68 -3.20
N ASN A 103 -3.16 -25.01 -3.04
CA ASN A 103 -3.45 -25.99 -4.12
C ASN A 103 -4.82 -25.70 -4.72
N GLU A 104 -5.82 -25.51 -3.87
CA GLU A 104 -7.21 -25.29 -4.34
C GLU A 104 -7.24 -23.95 -5.09
N ALA A 105 -6.58 -22.91 -4.57
CA ALA A 105 -6.57 -21.57 -5.19
C ALA A 105 -5.95 -21.67 -6.58
N VAL A 106 -4.79 -22.33 -6.71
CA VAL A 106 -4.10 -22.50 -8.01
C VAL A 106 -4.95 -23.36 -8.95
N LEU A 107 -5.56 -24.43 -8.47
CA LEU A 107 -6.42 -25.29 -9.33
C LEU A 107 -7.59 -24.44 -9.89
N ASP A 108 -8.22 -23.62 -9.05
CA ASP A 108 -9.35 -22.78 -9.53
C ASP A 108 -8.86 -21.90 -10.69
N ILE A 109 -7.62 -21.40 -10.63
CA ILE A 109 -7.03 -20.57 -11.72
C ILE A 109 -6.76 -21.44 -12.96
N ASN A 110 -6.19 -22.63 -12.76
CA ASN A 110 -5.96 -23.61 -13.87
C ASN A 110 -7.29 -23.78 -14.62
N LYS A 111 -8.37 -24.00 -13.87
CA LYS A 111 -9.71 -24.31 -14.45
C LYS A 111 -10.24 -23.05 -15.12
N SER A 112 -9.92 -21.88 -14.58
CA SER A 112 -10.31 -20.57 -15.13
C SER A 112 -9.81 -20.43 -16.58
N TYR A 113 -8.54 -20.80 -16.84
CA TYR A 113 -7.90 -20.68 -18.17
C TYR A 113 -8.45 -21.74 -19.13
N GLU A 114 -8.77 -22.90 -18.59
CA GLU A 114 -9.46 -23.95 -19.38
C GLU A 114 -10.74 -23.32 -19.95
N GLY A 115 -11.58 -22.72 -19.10
CA GLY A 115 -12.80 -22.02 -19.54
C GLY A 115 -12.48 -21.06 -20.69
N MET A 116 -11.42 -20.27 -20.51
CA MET A 116 -10.97 -19.22 -21.46
C MET A 116 -10.72 -19.83 -22.83
N PHE A 117 -10.00 -20.95 -22.92
CA PHE A 117 -9.67 -21.62 -24.21
C PHE A 117 -10.95 -22.16 -24.87
N ASN A 118 -11.80 -22.80 -24.06
CA ASN A 118 -13.06 -23.45 -24.49
C ASN A 118 -13.96 -22.39 -25.11
N ASP A 119 -14.30 -21.36 -24.35
CA ASP A 119 -15.26 -20.29 -24.74
C ASP A 119 -14.76 -19.59 -26.01
N THR A 120 -13.47 -19.29 -26.07
CA THR A 120 -12.86 -18.30 -27.00
C THR A 120 -12.61 -18.93 -28.36
N GLU A 121 -13.19 -18.34 -29.40
CA GLU A 121 -13.18 -18.87 -30.79
C GLU A 121 -11.76 -18.77 -31.37
N GLY A 122 -11.25 -19.86 -31.95
CA GLY A 122 -9.95 -19.93 -32.65
C GLY A 122 -8.76 -19.81 -31.70
N LEU A 123 -9.01 -19.89 -30.39
CA LEU A 123 -7.97 -20.01 -29.34
C LEU A 123 -8.00 -21.46 -28.84
N ASP A 124 -7.07 -22.29 -29.29
CA ASP A 124 -7.06 -23.74 -28.98
C ASP A 124 -5.83 -24.08 -28.13
N PHE A 125 -6.05 -24.83 -27.05
CA PHE A 125 -4.98 -25.42 -26.21
C PHE A 125 -4.62 -26.80 -26.78
N PHE A 126 -3.32 -27.03 -26.94
CA PHE A 126 -2.72 -28.34 -27.29
C PHE A 126 -1.86 -28.76 -26.10
N LEU A 127 -2.05 -29.99 -25.66
CA LEU A 127 -1.33 -30.60 -24.52
C LEU A 127 -0.12 -31.30 -25.08
N GLY A 128 1.06 -31.06 -24.51
CA GLY A 128 2.29 -31.72 -24.93
C GLY A 128 3.47 -30.78 -24.95
N TRP A 129 4.60 -31.29 -25.43
CA TRP A 129 5.88 -30.56 -25.58
C TRP A 129 5.98 -29.99 -26.99
N GLY A 130 6.06 -28.66 -27.10
CA GLY A 130 6.33 -27.93 -28.34
C GLY A 130 7.81 -27.90 -28.64
N SER A 131 8.19 -28.12 -29.90
CA SER A 131 9.54 -27.86 -30.45
C SER A 131 9.40 -27.40 -31.91
N LEU A 132 10.48 -26.86 -32.45
CA LEU A 132 10.55 -26.34 -33.84
C LEU A 132 11.09 -27.47 -34.73
N GLU A 133 10.30 -27.85 -35.73
CA GLU A 133 10.73 -28.70 -36.87
C GLU A 133 11.38 -27.77 -37.89
N SER A 134 10.55 -26.92 -38.51
CA SER A 134 10.93 -25.91 -39.52
C SER A 134 10.38 -24.54 -39.13
N LYS A 135 10.88 -23.48 -39.80
CA LYS A 135 10.64 -22.05 -39.50
C LYS A 135 9.14 -21.75 -39.38
N ASN A 136 8.26 -22.65 -39.84
CA ASN A 136 6.78 -22.42 -39.83
C ASN A 136 6.02 -23.66 -39.36
N VAL A 137 6.69 -24.61 -38.71
CA VAL A 137 6.01 -25.84 -38.21
C VAL A 137 6.42 -26.12 -36.75
N VAL A 138 5.42 -26.18 -35.87
CA VAL A 138 5.59 -26.59 -34.45
C VAL A 138 5.07 -28.01 -34.34
N VAL A 139 5.91 -28.92 -33.89
CA VAL A 139 5.49 -30.32 -33.62
C VAL A 139 5.22 -30.41 -32.10
N VAL A 140 4.03 -30.89 -31.73
CA VAL A 140 3.68 -31.21 -30.32
C VAL A 140 3.97 -32.70 -30.09
N ARG A 141 4.97 -33.00 -29.26
CA ARG A 141 5.32 -34.38 -28.85
C ARG A 141 4.72 -34.71 -27.48
N GLU A 142 4.70 -36.01 -27.15
CA GLU A 142 4.10 -36.56 -25.90
C GLU A 142 5.07 -36.26 -24.75
N THR A 143 6.38 -36.24 -25.03
CA THR A 143 7.42 -36.02 -24.01
C THR A 143 8.46 -35.02 -24.53
N ALA A 144 9.41 -34.71 -23.65
CA ALA A 144 10.50 -33.73 -23.85
C ALA A 144 11.50 -34.29 -24.84
N ASP A 145 11.50 -35.62 -25.00
CA ASP A 145 12.36 -36.35 -25.96
C ASP A 145 11.88 -36.01 -27.37
N PRO A 146 12.77 -35.50 -28.26
CA PRO A 146 12.41 -35.34 -29.66
C PRO A 146 12.06 -36.70 -30.29
N LYS A 147 12.44 -37.81 -29.62
CA LYS A 147 12.23 -39.20 -30.11
C LYS A 147 10.79 -39.67 -29.81
N SER A 148 10.03 -38.98 -28.95
CA SER A 148 8.66 -39.38 -28.50
C SER A 148 7.60 -39.10 -29.57
N ALA A 149 6.43 -39.70 -29.44
CA ALA A 149 5.34 -39.71 -30.44
C ALA A 149 4.84 -38.29 -30.73
N VAL A 150 4.40 -38.02 -31.95
CA VAL A 150 3.94 -36.69 -32.43
C VAL A 150 2.42 -36.57 -32.26
N LYS A 151 1.98 -35.88 -31.21
CA LYS A 151 0.54 -35.68 -30.94
C LYS A 151 -0.07 -34.81 -32.06
N GLU A 152 0.68 -33.81 -32.56
CA GLU A 152 0.17 -32.82 -33.55
C GLU A 152 1.29 -32.18 -34.37
N ARG A 153 0.88 -31.64 -35.53
CA ARG A 153 1.69 -30.83 -36.47
C ARG A 153 0.93 -29.52 -36.70
N LEU A 154 1.54 -28.39 -36.32
CA LEU A 154 0.92 -27.05 -36.36
C LEU A 154 1.71 -26.17 -37.34
N GLN A 155 1.07 -25.80 -38.44
CA GLN A 155 1.57 -24.78 -39.42
C GLN A 155 1.33 -23.40 -38.79
N ALA A 156 2.32 -22.51 -38.92
CA ALA A 156 2.41 -21.22 -38.22
C ALA A 156 2.91 -20.11 -39.15
N ASP A 157 2.07 -19.12 -39.46
CA ASP A 157 2.51 -17.85 -40.10
C ASP A 157 3.49 -17.16 -39.13
N HIS A 158 3.35 -17.42 -37.82
CA HIS A 158 4.15 -16.83 -36.71
C HIS A 158 4.27 -17.80 -35.53
N ILE A 159 5.48 -17.98 -35.00
CA ILE A 159 5.72 -18.85 -33.81
C ILE A 159 6.20 -17.98 -32.64
N LEU A 160 5.60 -18.14 -31.45
CA LEU A 160 6.00 -17.41 -30.21
C LEU A 160 6.55 -18.40 -29.17
N LEU A 161 7.84 -18.29 -28.87
CA LEU A 161 8.56 -19.03 -27.79
C LEU A 161 8.34 -18.32 -26.45
N ALA A 162 7.66 -18.97 -25.51
CA ALA A 162 7.24 -18.39 -24.22
C ALA A 162 7.28 -19.50 -23.18
N THR A 163 8.41 -20.21 -23.13
CA THR A 163 8.55 -21.48 -22.37
C THR A 163 9.11 -21.16 -21.00
N GLY A 164 9.33 -19.87 -20.71
CA GLY A 164 9.81 -19.36 -19.43
C GLY A 164 11.17 -19.94 -19.05
N SER A 165 11.38 -20.11 -17.75
CA SER A 165 12.67 -20.43 -17.11
C SER A 165 12.46 -21.64 -16.18
N TRP A 166 13.49 -22.02 -15.43
CA TRP A 166 13.53 -23.30 -14.69
C TRP A 166 14.66 -23.17 -13.69
N PRO A 167 14.54 -23.73 -12.46
CA PRO A 167 15.55 -23.49 -11.45
C PRO A 167 16.87 -24.08 -11.94
N GLN A 168 17.98 -23.41 -11.66
CA GLN A 168 19.34 -23.96 -11.87
C GLN A 168 19.75 -24.72 -10.61
N MET A 169 20.17 -25.99 -10.76
CA MET A 169 20.64 -26.84 -9.64
C MET A 169 22.16 -26.99 -9.76
N PRO A 170 22.94 -26.47 -8.78
CA PRO A 170 24.40 -26.52 -8.89
C PRO A 170 24.87 -27.98 -8.81
N ALA A 171 25.58 -28.43 -9.86
CA ALA A 171 26.09 -29.80 -10.07
C ALA A 171 27.14 -30.14 -9.01
N ILE A 172 26.69 -30.32 -7.76
CA ILE A 172 27.55 -30.67 -6.60
C ILE A 172 27.15 -32.08 -6.18
N PRO A 173 28.07 -32.85 -5.57
CA PRO A 173 27.70 -34.17 -5.03
C PRO A 173 26.55 -34.04 -4.03
N GLY A 174 25.44 -34.74 -4.31
CA GLY A 174 24.25 -34.83 -3.43
C GLY A 174 23.17 -33.81 -3.77
N ILE A 175 23.25 -33.24 -4.97
CA ILE A 175 22.24 -32.28 -5.51
C ILE A 175 20.89 -33.00 -5.68
N GLU A 176 20.88 -34.34 -5.77
CA GLU A 176 19.61 -35.12 -5.91
C GLU A 176 18.88 -35.21 -4.54
N HIS A 177 19.51 -34.74 -3.44
CA HIS A 177 18.96 -34.64 -2.06
C HIS A 177 18.27 -33.29 -1.83
N CYS A 178 18.60 -32.30 -2.67
CA CYS A 178 18.14 -30.89 -2.56
C CYS A 178 16.85 -30.70 -3.37
N ILE A 179 16.17 -29.57 -3.13
CA ILE A 179 14.94 -29.24 -3.91
C ILE A 179 15.10 -27.85 -4.50
N SER A 180 14.25 -27.53 -5.46
CA SER A 180 14.00 -26.16 -5.95
C SER A 180 12.70 -25.62 -5.31
N SER A 181 12.43 -24.37 -5.61
CA SER A 181 11.16 -23.69 -5.29
C SER A 181 10.02 -24.62 -5.72
N ASN A 182 10.17 -25.30 -6.86
CA ASN A 182 9.14 -26.19 -7.44
C ASN A 182 8.64 -27.20 -6.41
N GLU A 183 9.56 -27.81 -5.65
CA GLU A 183 9.26 -28.90 -4.67
C GLU A 183 8.82 -28.27 -3.35
N ALA A 184 9.34 -27.09 -3.03
CA ALA A 184 8.99 -26.37 -1.79
C ALA A 184 7.46 -26.22 -1.73
N PHE A 185 6.82 -26.00 -2.87
CA PHE A 185 5.36 -25.75 -2.95
C PHE A 185 4.56 -27.01 -2.57
N TYR A 186 5.21 -28.17 -2.47
CA TYR A 186 4.48 -29.45 -2.26
C TYR A 186 5.07 -30.26 -1.12
N LEU A 187 5.99 -29.70 -0.34
CA LEU A 187 6.47 -30.43 0.85
C LEU A 187 5.25 -30.90 1.65
N PRO A 188 5.17 -32.21 1.99
CA PRO A 188 4.06 -32.72 2.82
C PRO A 188 4.12 -32.25 4.28
N GLU A 189 5.28 -31.82 4.75
CA GLU A 189 5.51 -31.34 6.14
C GLU A 189 6.39 -30.09 6.12
N PRO A 190 6.23 -29.17 7.10
CA PRO A 190 7.10 -28.00 7.18
C PRO A 190 8.44 -28.46 7.73
N PRO A 191 9.58 -28.13 7.08
CA PRO A 191 10.90 -28.47 7.63
C PRO A 191 11.20 -27.77 8.96
N ARG A 192 11.77 -28.52 9.89
CA ARG A 192 12.20 -27.97 11.20
C ARG A 192 13.44 -27.12 10.94
N ARG A 193 14.36 -27.66 10.14
CA ARG A 193 15.63 -26.99 9.78
C ARG A 193 15.72 -26.92 8.27
N VAL A 194 16.02 -25.74 7.75
CA VAL A 194 16.06 -25.58 6.28
C VAL A 194 17.17 -24.59 5.93
N LEU A 195 17.91 -24.97 4.89
CA LEU A 195 18.90 -24.14 4.19
C LEU A 195 18.26 -23.70 2.87
N THR A 196 17.99 -22.41 2.72
CA THR A 196 17.65 -21.80 1.41
C THR A 196 18.96 -21.29 0.82
N VAL A 197 19.27 -21.72 -0.41
CA VAL A 197 20.57 -21.42 -1.05
C VAL A 197 20.30 -20.37 -2.12
N GLY A 198 20.84 -19.17 -1.91
CA GLY A 198 20.70 -18.02 -2.83
C GLY A 198 20.39 -16.77 -2.05
N GLY A 199 20.82 -15.61 -2.56
CA GLY A 199 20.54 -14.31 -1.94
C GLY A 199 19.52 -13.51 -2.74
N GLY A 200 18.81 -14.14 -3.66
CA GLY A 200 17.80 -13.49 -4.50
C GLY A 200 16.44 -13.55 -3.83
N PHE A 201 15.40 -13.03 -4.49
CA PHE A 201 14.06 -12.85 -3.90
C PHE A 201 13.46 -14.21 -3.51
N ILE A 202 13.67 -15.25 -4.31
CA ILE A 202 13.02 -16.58 -4.10
C ILE A 202 13.57 -17.22 -2.81
N SER A 203 14.88 -17.17 -2.60
CA SER A 203 15.54 -17.70 -1.38
C SER A 203 15.04 -16.91 -0.19
N VAL A 204 15.03 -15.57 -0.30
CA VAL A 204 14.58 -14.62 0.77
C VAL A 204 13.09 -14.88 1.09
N GLU A 205 12.23 -14.93 0.07
CA GLU A 205 10.78 -15.12 0.29
C GLU A 205 10.55 -16.45 1.01
N PHE A 206 11.23 -17.52 0.58
CA PHE A 206 11.00 -18.88 1.13
C PHE A 206 11.54 -18.94 2.55
N ALA A 207 12.65 -18.27 2.85
CA ALA A 207 13.19 -18.24 4.23
C ALA A 207 12.13 -17.66 5.15
N GLY A 208 11.40 -16.64 4.69
CA GLY A 208 10.31 -16.06 5.48
C GLY A 208 9.19 -17.06 5.68
N ILE A 209 8.81 -17.74 4.62
CA ILE A 209 7.71 -18.74 4.66
C ILE A 209 8.12 -19.85 5.65
N PHE A 210 9.28 -20.48 5.47
CA PHE A 210 9.68 -21.63 6.32
C PHE A 210 9.82 -21.17 7.77
N ASN A 211 10.24 -19.91 7.96
CA ASN A 211 10.46 -19.35 9.31
C ASN A 211 9.14 -19.31 10.09
N ALA A 212 8.04 -18.99 9.43
CA ALA A 212 6.72 -18.82 10.07
C ALA A 212 6.12 -20.19 10.39
N TYR A 213 6.39 -21.19 9.54
CA TYR A 213 5.71 -22.51 9.59
C TYR A 213 6.61 -23.59 10.19
N LYS A 214 7.82 -23.27 10.68
CA LYS A 214 8.75 -24.30 11.24
C LYS A 214 8.17 -24.89 12.52
N PRO A 215 8.26 -26.21 12.73
CA PRO A 215 7.86 -26.81 14.00
C PRO A 215 8.76 -26.31 15.13
N PRO A 216 8.40 -26.59 16.41
CA PRO A 216 9.20 -26.15 17.55
C PRO A 216 10.66 -26.57 17.39
N GLY A 217 11.59 -25.77 17.92
CA GLY A 217 13.05 -25.97 17.80
C GLY A 217 13.51 -25.90 16.36
N GLY A 218 12.72 -25.25 15.50
CA GLY A 218 13.03 -25.09 14.07
C GLY A 218 14.06 -24.00 13.87
N LYS A 219 14.79 -24.02 12.76
CA LYS A 219 15.80 -22.97 12.43
C LYS A 219 15.88 -22.84 10.91
N VAL A 220 15.71 -21.62 10.40
CA VAL A 220 15.86 -21.32 8.95
C VAL A 220 17.24 -20.68 8.75
N THR A 221 18.04 -21.23 7.84
CA THR A 221 19.37 -20.73 7.44
C THR A 221 19.30 -20.38 5.95
N LEU A 222 19.61 -19.13 5.62
CA LEU A 222 19.75 -18.70 4.20
C LEU A 222 21.25 -18.54 3.95
N CYS A 223 21.81 -19.23 2.95
CA CYS A 223 23.23 -19.00 2.55
C CYS A 223 23.29 -18.22 1.23
N TYR A 224 24.23 -17.28 1.15
CA TYR A 224 24.56 -16.55 -0.09
C TYR A 224 26.08 -16.59 -0.32
N ARG A 225 26.47 -16.93 -1.56
CA ARG A 225 27.89 -17.13 -1.98
C ARG A 225 28.68 -15.84 -1.73
N ASN A 226 28.10 -14.64 -1.92
CA ASN A 226 28.81 -13.36 -1.74
C ASN A 226 28.41 -12.71 -0.42
N ASN A 227 28.69 -11.41 -0.24
CA ASN A 227 28.77 -10.73 1.08
C ASN A 227 27.44 -10.14 1.55
N LEU A 228 26.53 -9.80 0.64
CA LEU A 228 25.25 -9.08 0.94
C LEU A 228 24.15 -9.58 0.00
N ILE A 229 23.04 -10.05 0.56
CA ILE A 229 21.91 -10.61 -0.23
C ILE A 229 21.33 -9.52 -1.13
N LEU A 230 20.51 -9.94 -2.09
CA LEU A 230 19.61 -9.05 -2.90
C LEU A 230 20.42 -8.04 -3.74
N ARG A 231 21.48 -8.55 -4.38
CA ARG A 231 22.20 -7.83 -5.47
C ARG A 231 21.16 -7.22 -6.40
N GLY A 232 21.36 -5.96 -6.75
CA GLY A 232 20.54 -5.24 -7.74
C GLY A 232 19.47 -4.41 -7.06
N PHE A 233 19.22 -4.69 -5.78
CA PHE A 233 18.36 -3.82 -4.94
C PHE A 233 19.25 -2.75 -4.30
N ASP A 234 18.58 -1.73 -3.77
CA ASP A 234 19.17 -0.61 -3.01
C ASP A 234 19.99 -1.15 -1.85
N GLU A 235 21.20 -0.62 -1.70
CA GLU A 235 22.16 -1.18 -0.71
C GLU A 235 21.63 -0.98 0.72
N THR A 236 21.09 0.20 1.03
CA THR A 236 20.48 0.46 2.36
C THR A 236 19.42 -0.61 2.60
N ILE A 237 18.54 -0.82 1.62
CA ILE A 237 17.45 -1.81 1.77
C ILE A 237 18.06 -3.21 1.95
N ARG A 238 19.10 -3.55 1.20
CA ARG A 238 19.74 -4.90 1.29
C ARG A 238 20.25 -5.16 2.71
N GLU A 239 20.91 -4.17 3.31
CA GLU A 239 21.43 -4.24 4.69
C GLU A 239 20.26 -4.32 5.67
N GLU A 240 19.20 -3.54 5.46
CA GLU A 240 18.06 -3.49 6.39
C GLU A 240 17.30 -4.82 6.41
N VAL A 241 16.98 -5.36 5.23
N VAL A 241 16.98 -5.39 5.23
CA VAL A 241 16.25 -6.65 5.10
CA VAL A 241 16.22 -6.67 5.15
C VAL A 241 17.03 -7.74 5.82
C VAL A 241 17.03 -7.76 5.83
N THR A 242 18.37 -7.72 5.68
CA THR A 242 19.30 -8.69 6.32
C THR A 242 19.09 -8.64 7.84
N LYS A 243 19.09 -7.44 8.41
CA LYS A 243 18.87 -7.22 9.86
C LYS A 243 17.48 -7.72 10.24
N GLN A 244 16.47 -7.39 9.42
CA GLN A 244 15.05 -7.62 9.80
C GLN A 244 14.79 -9.11 9.73
N LEU A 245 15.35 -9.80 8.75
CA LEU A 245 15.25 -11.28 8.68
C LEU A 245 15.99 -11.91 9.88
N THR A 246 17.13 -11.36 10.29
CA THR A 246 17.88 -11.82 11.50
C THR A 246 17.04 -11.57 12.76
N ALA A 247 16.49 -10.37 12.90
CA ALA A 247 15.61 -10.00 14.03
C ALA A 247 14.46 -11.02 14.17
N ASN A 248 14.03 -11.63 13.08
CA ASN A 248 12.90 -12.60 13.09
C ASN A 248 13.41 -14.05 13.13
N GLY A 249 14.70 -14.26 13.45
CA GLY A 249 15.28 -15.58 13.81
C GLY A 249 15.81 -16.35 12.61
N ILE A 250 15.97 -15.70 11.47
CA ILE A 250 16.54 -16.35 10.27
C ILE A 250 18.05 -16.12 10.35
N GLU A 251 18.83 -17.20 10.27
CA GLU A 251 20.31 -17.16 10.28
C GLU A 251 20.77 -16.91 8.85
N ILE A 252 21.47 -15.79 8.60
CA ILE A 252 22.00 -15.41 7.26
C ILE A 252 23.49 -15.78 7.17
N MET A 253 23.85 -16.85 6.43
CA MET A 253 25.26 -17.23 6.12
C MET A 253 25.70 -16.58 4.79
N THR A 254 26.35 -15.42 4.84
CA THR A 254 26.93 -14.73 3.66
C THR A 254 28.37 -15.24 3.44
N ASN A 255 28.90 -15.07 2.23
CA ASN A 255 30.24 -15.58 1.85
C ASN A 255 30.31 -17.07 2.15
N GLU A 256 29.25 -17.83 1.80
CA GLU A 256 29.14 -19.28 2.12
C GLU A 256 28.32 -19.97 1.03
N ASN A 257 28.72 -21.20 0.68
CA ASN A 257 28.16 -21.90 -0.49
C ASN A 257 28.33 -23.39 -0.28
N PRO A 258 27.27 -24.20 -0.44
CA PRO A 258 27.38 -25.66 -0.36
C PRO A 258 28.39 -26.29 -1.36
N ALA A 259 29.29 -27.12 -0.84
CA ALA A 259 30.26 -27.96 -1.59
C ALA A 259 29.61 -29.30 -1.94
N LYS A 260 28.84 -29.88 -1.02
CA LYS A 260 28.08 -31.12 -1.31
C LYS A 260 27.08 -31.43 -0.22
N VAL A 261 26.21 -32.40 -0.47
CA VAL A 261 25.15 -32.85 0.47
C VAL A 261 25.17 -34.38 0.55
N SER A 262 25.16 -34.92 1.78
CA SER A 262 25.09 -36.38 2.11
C SER A 262 23.85 -36.66 2.98
N LEU A 263 22.96 -37.51 2.48
CA LEU A 263 21.83 -38.09 3.27
C LEU A 263 22.41 -38.84 4.48
N ASN A 264 22.19 -38.34 5.70
CA ASN A 264 22.32 -39.12 6.96
C ASN A 264 21.30 -40.27 6.96
N THR A 265 21.41 -41.20 7.91
CA THR A 265 20.63 -42.46 7.95
C THR A 265 19.18 -42.19 8.41
N ASP A 266 18.92 -41.07 9.10
CA ASP A 266 17.55 -40.63 9.55
C ASP A 266 16.78 -39.93 8.41
N GLY A 267 17.40 -39.71 7.24
CA GLY A 267 16.78 -39.10 6.04
C GLY A 267 17.12 -37.62 5.91
N SER A 268 17.76 -37.05 6.94
CA SER A 268 18.20 -35.63 7.02
C SER A 268 19.42 -35.43 6.12
N LYS A 269 19.78 -34.17 5.88
CA LYS A 269 20.78 -33.73 4.87
C LYS A 269 21.97 -33.17 5.61
N HIS A 270 23.16 -33.72 5.36
CA HIS A 270 24.43 -33.20 5.90
C HIS A 270 25.07 -32.34 4.83
N VAL A 271 25.06 -31.02 5.04
CA VAL A 271 25.52 -30.02 4.05
C VAL A 271 26.95 -29.66 4.43
N THR A 272 27.87 -29.83 3.49
CA THR A 272 29.27 -29.38 3.63
C THR A 272 29.48 -28.17 2.70
N PHE A 273 29.87 -27.04 3.30
CA PHE A 273 30.15 -25.75 2.61
C PHE A 273 31.62 -25.73 2.17
N GLU A 274 31.98 -24.75 1.34
CA GLU A 274 33.35 -24.53 0.78
C GLU A 274 34.30 -24.10 1.89
N SER A 275 33.83 -23.24 2.80
CA SER A 275 34.57 -22.85 4.02
C SER A 275 34.90 -24.10 4.86
N GLY A 276 34.19 -25.21 4.63
CA GLY A 276 34.38 -26.48 5.36
C GLY A 276 33.40 -26.64 6.50
N LYS A 277 32.58 -25.62 6.75
CA LYS A 277 31.46 -25.71 7.72
C LYS A 277 30.49 -26.79 7.26
N THR A 278 29.79 -27.39 8.21
CA THR A 278 28.65 -28.30 7.98
C THR A 278 27.41 -27.75 8.68
N LEU A 279 26.25 -28.21 8.25
CA LEU A 279 24.94 -27.97 8.89
C LEU A 279 24.06 -29.17 8.54
N ASP A 280 23.28 -29.64 9.50
CA ASP A 280 22.24 -30.67 9.27
C ASP A 280 20.90 -29.93 9.17
N VAL A 281 20.14 -30.22 8.12
CA VAL A 281 18.82 -29.62 7.84
C VAL A 281 17.94 -30.71 7.28
N ASP A 282 16.63 -30.52 7.36
CA ASP A 282 15.66 -31.49 6.84
C ASP A 282 15.44 -31.21 5.36
N VAL A 283 15.74 -29.98 4.94
CA VAL A 283 15.52 -29.51 3.54
C VAL A 283 16.65 -28.54 3.16
N VAL A 284 17.21 -28.75 1.96
CA VAL A 284 18.13 -27.83 1.22
C VAL A 284 17.33 -27.37 0.01
N MET A 285 16.96 -26.09 -0.02
CA MET A 285 16.22 -25.50 -1.17
C MET A 285 17.18 -24.62 -1.94
N MET A 286 17.49 -25.02 -3.15
CA MET A 286 18.38 -24.28 -4.06
C MET A 286 17.54 -23.22 -4.77
N ALA A 287 17.90 -21.95 -4.59
CA ALA A 287 17.32 -20.83 -5.35
C ALA A 287 18.45 -19.88 -5.74
N ILE A 288 19.37 -20.37 -6.56
CA ILE A 288 20.64 -19.70 -6.98
C ILE A 288 20.42 -19.10 -8.37
N GLY A 289 19.38 -19.48 -9.08
CA GLY A 289 19.16 -18.88 -10.41
C GLY A 289 18.14 -19.67 -11.17
N ARG A 290 17.53 -19.02 -12.13
CA ARG A 290 16.62 -19.69 -13.07
C ARG A 290 17.18 -19.41 -14.46
N ILE A 291 17.06 -20.38 -15.35
CA ILE A 291 17.65 -20.32 -16.71
C ILE A 291 16.55 -20.62 -17.71
N PRO A 292 16.68 -20.03 -18.92
CA PRO A 292 15.65 -20.13 -19.95
C PRO A 292 15.47 -21.56 -20.49
N ARG A 293 14.21 -21.95 -20.68
CA ARG A 293 13.82 -23.30 -21.15
C ARG A 293 13.88 -23.32 -22.67
N THR A 294 15.09 -23.52 -23.18
CA THR A 294 15.48 -23.48 -24.62
C THR A 294 15.74 -24.91 -25.15
N ASN A 295 16.40 -25.76 -24.34
CA ASN A 295 16.79 -27.15 -24.72
C ASN A 295 15.68 -27.83 -25.52
N ASP A 296 14.50 -27.97 -24.90
CA ASP A 296 13.43 -28.87 -25.36
C ASP A 296 12.74 -28.28 -26.61
N LEU A 297 13.11 -27.08 -27.06
CA LEU A 297 12.48 -26.45 -28.26
C LEU A 297 13.20 -26.89 -29.54
N GLN A 298 14.41 -27.43 -29.43
CA GLN A 298 15.19 -27.89 -30.60
C GLN A 298 15.41 -26.69 -31.52
N LEU A 299 16.10 -25.67 -31.02
CA LEU A 299 16.29 -24.38 -31.74
C LEU A 299 17.28 -24.59 -32.89
N GLY A 300 18.24 -25.52 -32.72
CA GLY A 300 19.26 -25.90 -33.71
C GLY A 300 18.65 -26.47 -34.98
N ASN A 301 17.34 -26.76 -34.98
CA ASN A 301 16.57 -27.30 -36.13
C ASN A 301 16.03 -26.18 -37.02
N VAL A 302 16.03 -24.92 -36.57
CA VAL A 302 15.67 -23.75 -37.43
C VAL A 302 16.63 -22.58 -37.19
N GLY A 303 17.76 -22.79 -36.49
CA GLY A 303 18.79 -21.76 -36.27
C GLY A 303 18.23 -20.50 -35.65
N VAL A 304 17.89 -20.56 -34.35
CA VAL A 304 17.52 -19.37 -33.51
C VAL A 304 18.68 -19.15 -32.55
N LYS A 305 19.23 -17.93 -32.53
CA LYS A 305 20.47 -17.62 -31.77
C LYS A 305 20.11 -17.40 -30.29
N LEU A 306 20.86 -18.04 -29.39
CA LEU A 306 20.91 -17.74 -27.95
C LEU A 306 21.97 -16.68 -27.74
N THR A 307 21.98 -16.09 -26.55
CA THR A 307 23.03 -15.20 -26.04
C THR A 307 24.06 -16.08 -25.31
N PRO A 308 25.22 -15.50 -24.94
CA PRO A 308 26.18 -16.20 -24.07
C PRO A 308 25.68 -16.61 -22.68
N LYS A 309 24.38 -16.43 -22.38
CA LYS A 309 23.78 -16.81 -21.08
C LYS A 309 22.67 -17.85 -21.30
N GLY A 310 22.48 -18.33 -22.54
CA GLY A 310 21.51 -19.39 -22.89
C GLY A 310 20.13 -18.85 -23.25
N GLY A 311 19.91 -17.54 -23.07
CA GLY A 311 18.61 -16.88 -23.34
C GLY A 311 18.47 -16.56 -24.80
N VAL A 312 17.28 -16.78 -25.35
CA VAL A 312 16.93 -16.56 -26.78
C VAL A 312 17.13 -15.08 -27.10
N GLN A 313 18.02 -14.79 -28.05
CA GLN A 313 18.36 -13.41 -28.48
C GLN A 313 17.14 -12.79 -29.14
N VAL A 314 16.85 -11.54 -28.78
CA VAL A 314 15.71 -10.77 -29.38
C VAL A 314 16.12 -9.30 -29.54
N ASP A 315 15.48 -8.63 -30.48
CA ASP A 315 15.49 -7.17 -30.64
C ASP A 315 14.38 -6.63 -29.73
N GLU A 316 14.14 -5.31 -29.80
CA GLU A 316 13.18 -4.53 -28.99
C GLU A 316 11.73 -4.96 -29.27
N PHE A 317 11.48 -5.69 -30.35
CA PHE A 317 10.14 -6.08 -30.83
C PHE A 317 9.95 -7.58 -30.59
N SER A 318 10.83 -8.17 -29.78
CA SER A 318 10.79 -9.59 -29.38
C SER A 318 11.05 -10.49 -30.61
N ARG A 319 11.77 -9.99 -31.63
CA ARG A 319 12.05 -10.77 -32.87
C ARG A 319 13.39 -11.49 -32.70
N THR A 320 13.40 -12.79 -32.99
CA THR A 320 14.61 -13.62 -33.20
C THR A 320 15.23 -13.26 -34.56
N ASN A 321 16.40 -13.81 -34.85
CA ASN A 321 17.03 -13.75 -36.19
C ASN A 321 16.09 -14.35 -37.26
N VAL A 322 15.29 -15.34 -36.91
CA VAL A 322 14.40 -16.06 -37.87
C VAL A 322 13.12 -15.28 -38.03
N PRO A 323 12.82 -14.71 -39.21
CA PRO A 323 11.54 -14.04 -39.44
C PRO A 323 10.39 -14.91 -38.91
N ASN A 324 9.35 -14.27 -38.36
CA ASN A 324 8.08 -14.90 -37.91
C ASN A 324 8.28 -15.73 -36.64
N ILE A 325 9.51 -15.88 -36.13
CA ILE A 325 9.77 -16.52 -34.80
C ILE A 325 10.16 -15.43 -33.79
N TYR A 326 9.31 -15.26 -32.77
CA TYR A 326 9.45 -14.27 -31.67
C TYR A 326 9.62 -14.98 -30.34
N ALA A 327 10.12 -14.25 -29.34
CA ALA A 327 10.40 -14.75 -27.98
C ALA A 327 10.15 -13.63 -26.94
N ILE A 328 9.34 -13.94 -25.90
CA ILE A 328 9.01 -13.02 -24.77
C ILE A 328 9.22 -13.75 -23.46
N GLY A 329 9.17 -13.02 -22.35
CA GLY A 329 9.23 -13.59 -20.99
C GLY A 329 10.60 -14.12 -20.64
N ASP A 330 10.65 -15.02 -19.65
CA ASP A 330 11.89 -15.49 -18.98
C ASP A 330 12.81 -16.18 -20.00
N ILE A 331 12.30 -16.77 -21.08
CA ILE A 331 13.17 -17.40 -22.12
C ILE A 331 14.19 -16.37 -22.64
N THR A 332 13.82 -15.08 -22.71
CA THR A 332 14.75 -14.01 -23.20
C THR A 332 15.81 -13.65 -22.15
N ASP A 333 15.71 -14.17 -20.92
CA ASP A 333 16.76 -14.05 -19.86
C ASP A 333 17.13 -12.60 -19.55
N ARG A 334 16.14 -11.73 -19.42
CA ARG A 334 16.36 -10.30 -19.03
C ARG A 334 15.73 -10.13 -17.66
N LEU A 335 14.70 -9.28 -17.55
N LEU A 335 14.68 -9.29 -17.55
CA LEU A 335 13.86 -9.19 -16.31
CA LEU A 335 13.86 -9.19 -16.32
C LEU A 335 12.90 -10.39 -16.32
C LEU A 335 12.89 -10.38 -16.31
N MET A 336 13.08 -11.26 -15.27
CA MET A 336 12.22 -12.44 -15.09
C MET A 336 11.03 -12.01 -14.22
N LEU A 337 10.07 -11.30 -14.81
CA LEU A 337 8.84 -10.85 -14.12
C LEU A 337 7.62 -11.11 -14.98
N THR A 338 6.54 -11.56 -14.35
CA THR A 338 5.23 -11.82 -15.00
C THR A 338 4.77 -10.58 -15.77
N PRO A 339 4.62 -9.39 -15.17
CA PRO A 339 4.05 -8.25 -15.91
C PRO A 339 4.92 -7.76 -17.07
N VAL A 340 6.21 -8.05 -17.03
CA VAL A 340 7.11 -7.79 -18.18
C VAL A 340 6.77 -8.78 -19.30
N ALA A 341 6.67 -10.07 -18.99
CA ALA A 341 6.25 -11.10 -19.97
C ALA A 341 4.93 -10.65 -20.59
N ILE A 342 3.96 -10.29 -19.75
CA ILE A 342 2.61 -9.90 -20.23
C ILE A 342 2.75 -8.70 -21.18
N ASN A 343 3.50 -7.69 -20.77
CA ASN A 343 3.72 -6.45 -21.55
C ASN A 343 4.32 -6.80 -22.93
N GLU A 344 5.35 -7.65 -22.96
CA GLU A 344 6.05 -8.07 -24.20
C GLU A 344 5.05 -8.76 -25.13
N GLY A 345 4.23 -9.68 -24.58
CA GLY A 345 3.21 -10.43 -25.32
C GLY A 345 2.20 -9.47 -25.94
N ALA A 346 1.64 -8.55 -25.17
CA ALA A 346 0.64 -7.58 -25.66
C ALA A 346 1.28 -6.72 -26.76
N ALA A 347 2.54 -6.33 -26.60
CA ALA A 347 3.27 -5.44 -27.53
C ALA A 347 3.51 -6.18 -28.86
N LEU A 348 3.95 -7.43 -28.79
CA LEU A 348 4.26 -8.31 -29.95
C LEU A 348 3.03 -8.44 -30.83
N VAL A 349 1.90 -8.79 -30.22
CA VAL A 349 0.60 -9.02 -30.93
C VAL A 349 0.09 -7.68 -31.48
N ASP A 350 0.20 -6.57 -30.73
CA ASP A 350 -0.21 -5.22 -31.20
C ASP A 350 0.68 -4.77 -32.36
N THR A 351 1.95 -5.18 -32.37
CA THR A 351 2.89 -4.89 -33.47
C THR A 351 2.48 -5.75 -34.66
N VAL A 352 2.64 -7.07 -34.52
CA VAL A 352 2.58 -8.07 -35.62
C VAL A 352 1.15 -8.15 -36.17
N PHE A 353 0.12 -8.16 -35.33
CA PHE A 353 -1.29 -8.43 -35.75
C PHE A 353 -2.12 -7.15 -35.74
N GLY A 354 -1.76 -6.17 -34.90
CA GLY A 354 -2.53 -4.91 -34.78
C GLY A 354 -1.99 -3.81 -35.67
N ASN A 355 -0.82 -4.04 -36.28
CA ASN A 355 -0.15 -3.05 -37.16
C ASN A 355 0.09 -1.74 -36.38
N LYS A 356 0.29 -1.87 -35.07
CA LYS A 356 0.55 -0.76 -34.13
C LYS A 356 1.86 -1.12 -33.46
N PRO A 357 3.03 -0.96 -34.12
CA PRO A 357 4.29 -1.37 -33.51
C PRO A 357 4.45 -0.73 -32.11
N ARG A 358 4.83 -1.54 -31.13
CA ARG A 358 5.03 -1.07 -29.73
C ARG A 358 6.11 -1.94 -29.10
N LYS A 359 7.02 -1.30 -28.37
CA LYS A 359 8.17 -1.97 -27.70
C LYS A 359 7.94 -1.83 -26.19
N THR A 360 8.19 -2.92 -25.47
CA THR A 360 8.19 -2.94 -24.00
C THR A 360 9.33 -2.03 -23.52
N ASP A 361 9.01 -1.17 -22.57
CA ASP A 361 10.02 -0.37 -21.82
C ASP A 361 10.50 -1.21 -20.64
N HIS A 362 11.75 -1.61 -20.65
CA HIS A 362 12.37 -2.43 -19.59
C HIS A 362 12.98 -1.50 -18.54
N THR A 363 12.85 -0.18 -18.71
CA THR A 363 13.25 0.80 -17.68
C THR A 363 12.05 1.08 -16.77
N ARG A 364 12.34 1.43 -15.52
CA ARG A 364 11.40 2.06 -14.58
C ARG A 364 10.27 1.06 -14.34
N VAL A 365 10.64 -0.20 -14.16
CA VAL A 365 9.68 -1.29 -13.91
C VAL A 365 9.56 -1.44 -12.40
N ALA A 366 8.35 -1.26 -11.89
CA ALA A 366 8.04 -1.46 -10.48
C ALA A 366 8.14 -2.97 -10.23
N SER A 367 8.78 -3.37 -9.15
CA SER A 367 8.82 -4.79 -8.74
C SER A 367 8.86 -4.81 -7.22
N ALA A 368 8.84 -6.01 -6.64
CA ALA A 368 8.70 -6.19 -5.18
C ALA A 368 9.40 -7.48 -4.79
N VAL A 369 9.77 -7.56 -3.53
CA VAL A 369 10.18 -8.80 -2.84
C VAL A 369 9.22 -8.93 -1.66
N PHE A 370 8.43 -9.99 -1.59
CA PHE A 370 7.55 -10.28 -0.43
C PHE A 370 8.38 -10.95 0.65
N SER A 371 9.50 -10.30 0.96
CA SER A 371 10.22 -10.52 2.24
C SER A 371 9.29 -10.00 3.33
N ILE A 372 9.52 -10.44 4.56
CA ILE A 372 8.86 -9.84 5.76
C ILE A 372 9.92 -9.03 6.47
N PRO A 373 9.74 -7.69 6.53
CA PRO A 373 8.73 -6.99 5.73
C PRO A 373 9.19 -6.77 4.29
N PRO A 374 8.29 -6.32 3.37
CA PRO A 374 8.57 -6.36 1.94
C PRO A 374 9.33 -5.18 1.32
N ILE A 375 9.91 -5.41 0.15
CA ILE A 375 10.55 -4.38 -0.71
C ILE A 375 9.59 -4.02 -1.85
N GLY A 376 9.53 -2.72 -2.16
CA GLY A 376 8.92 -2.19 -3.41
C GLY A 376 9.91 -1.25 -4.07
N THR A 377 10.20 -1.41 -5.36
CA THR A 377 11.27 -0.63 -6.04
C THR A 377 10.87 -0.34 -7.47
N CYS A 378 11.38 0.77 -7.99
CA CYS A 378 11.13 1.17 -9.38
C CYS A 378 12.31 2.02 -9.82
N GLY A 379 12.95 1.66 -10.92
CA GLY A 379 14.01 2.47 -11.54
C GLY A 379 15.37 2.20 -10.93
N LEU A 380 16.27 3.17 -11.05
CA LEU A 380 17.73 2.97 -10.84
C LEU A 380 18.07 2.99 -9.36
N ILE A 381 18.90 2.05 -8.92
CA ILE A 381 19.62 2.18 -7.62
C ILE A 381 20.70 3.27 -7.80
N GLU A 382 21.09 3.95 -6.72
CA GLU A 382 21.98 5.13 -6.79
C GLU A 382 23.33 4.79 -7.45
N GLU A 383 23.89 3.60 -7.22
CA GLU A 383 25.22 3.20 -7.80
C GLU A 383 25.15 3.23 -9.33
N VAL A 384 24.07 2.68 -9.87
CA VAL A 384 23.82 2.61 -11.34
C VAL A 384 23.59 4.04 -11.85
N ALA A 385 22.72 4.83 -11.23
CA ALA A 385 22.49 6.26 -11.58
C ALA A 385 23.81 7.06 -11.64
N ALA A 386 24.62 6.96 -10.59
CA ALA A 386 25.88 7.73 -10.36
C ALA A 386 26.91 7.46 -11.49
N LYS A 387 26.71 6.40 -12.27
CA LYS A 387 27.59 6.06 -13.42
C LYS A 387 27.09 6.72 -14.70
N GLU A 388 25.80 7.06 -14.79
CA GLU A 388 25.15 7.61 -16.03
C GLU A 388 24.94 9.11 -15.89
N PHE A 389 24.83 9.65 -14.68
CA PHE A 389 24.51 11.07 -14.45
C PHE A 389 25.68 11.75 -13.72
N GLU A 390 25.98 13.00 -14.07
N GLU A 390 25.94 13.00 -14.07
CA GLU A 390 27.10 13.78 -13.47
CA GLU A 390 27.05 13.85 -13.52
C GLU A 390 26.78 14.07 -12.00
C GLU A 390 26.78 14.12 -12.03
N LYS A 391 25.54 14.49 -11.70
CA LYS A 391 25.09 14.79 -10.32
C LYS A 391 23.81 14.02 -10.01
N VAL A 392 23.89 13.14 -9.00
CA VAL A 392 22.80 12.31 -8.46
C VAL A 392 22.58 12.71 -7.01
N ALA A 393 21.33 12.99 -6.65
CA ALA A 393 20.89 13.26 -5.26
C ALA A 393 20.20 12.01 -4.74
N VAL A 394 20.48 11.66 -3.48
CA VAL A 394 19.73 10.62 -2.73
C VAL A 394 18.95 11.29 -1.60
N TYR A 395 17.63 11.18 -1.65
CA TYR A 395 16.71 11.57 -0.56
C TYR A 395 16.42 10.29 0.22
N MET A 396 16.39 10.35 1.55
CA MET A 396 16.24 9.12 2.36
C MET A 396 15.63 9.42 3.72
N SER A 397 14.65 8.60 4.10
CA SER A 397 13.88 8.69 5.36
C SER A 397 13.72 7.27 5.91
N SER A 398 14.46 6.97 6.97
CA SER A 398 14.27 5.79 7.85
C SER A 398 13.43 6.23 9.05
N PHE A 399 12.41 5.46 9.42
CA PHE A 399 11.57 5.70 10.62
C PHE A 399 11.00 4.37 11.11
N THR A 400 11.10 4.11 12.43
CA THR A 400 10.35 3.05 13.14
C THR A 400 8.87 3.44 13.10
N PRO A 401 8.01 2.72 12.34
CA PRO A 401 6.61 3.10 12.23
C PRO A 401 5.94 2.99 13.62
N LEU A 402 5.17 4.01 14.00
CA LEU A 402 4.57 4.15 15.34
C LEU A 402 3.96 2.82 15.78
N MET A 403 3.24 2.13 14.89
CA MET A 403 2.53 0.86 15.23
C MET A 403 3.55 -0.18 15.73
N HIS A 404 4.79 -0.14 15.24
CA HIS A 404 5.85 -1.14 15.55
C HIS A 404 6.62 -0.77 16.82
N ASN A 405 6.54 0.46 17.30
CA ASN A 405 6.85 0.76 18.73
C ASN A 405 5.92 -0.09 19.60
N ILE A 406 4.59 0.06 19.42
CA ILE A 406 3.58 -0.65 20.26
C ILE A 406 3.61 -2.16 19.98
N SER A 407 3.85 -2.57 18.74
CA SER A 407 3.74 -3.99 18.31
C SER A 407 4.85 -4.82 18.94
N GLY A 408 5.96 -4.17 19.32
CA GLY A 408 7.15 -4.86 19.89
C GLY A 408 8.16 -5.21 18.81
N SER A 409 7.83 -4.97 17.54
CA SER A 409 8.73 -5.22 16.38
C SER A 409 9.51 -3.95 16.03
N LYS A 410 10.32 -3.43 16.96
CA LYS A 410 10.99 -2.12 16.78
C LYS A 410 12.09 -2.22 15.71
N TYR A 411 12.48 -3.42 15.33
CA TYR A 411 13.44 -3.70 14.23
C TYR A 411 12.84 -3.42 12.85
N LYS A 412 11.53 -3.18 12.74
CA LYS A 412 10.87 -3.05 11.41
C LYS A 412 10.97 -1.59 10.97
N LYS A 413 12.16 -1.14 10.61
CA LYS A 413 12.37 0.24 10.11
C LYS A 413 11.79 0.28 8.69
N PHE A 414 10.99 1.32 8.40
CA PHE A 414 10.52 1.68 7.05
C PHE A 414 11.60 2.53 6.39
N VAL A 415 12.02 2.17 5.18
CA VAL A 415 13.08 2.89 4.41
C VAL A 415 12.44 3.39 3.12
N ALA A 416 12.53 4.69 2.86
CA ALA A 416 12.11 5.31 1.59
C ALA A 416 13.30 6.10 1.05
N LYS A 417 13.77 5.72 -0.15
CA LYS A 417 14.86 6.39 -0.90
C LYS A 417 14.33 6.86 -2.26
N ILE A 418 14.58 8.11 -2.59
CA ILE A 418 14.38 8.64 -3.96
C ILE A 418 15.78 8.99 -4.45
N VAL A 419 16.14 8.42 -5.59
CA VAL A 419 17.36 8.77 -6.37
C VAL A 419 16.91 9.68 -7.51
N THR A 420 17.48 10.88 -7.62
CA THR A 420 17.19 11.84 -8.72
C THR A 420 18.43 12.17 -9.56
N ASN A 421 18.19 12.62 -10.78
CA ASN A 421 19.16 13.41 -11.56
C ASN A 421 19.18 14.79 -10.92
N HIS A 422 20.24 15.13 -10.18
CA HIS A 422 20.25 16.40 -9.44
C HIS A 422 20.29 17.59 -10.39
N SER A 423 20.71 17.39 -11.65
CA SER A 423 20.73 18.47 -12.67
C SER A 423 19.32 19.02 -12.90
N ASP A 424 18.29 18.18 -12.99
CA ASP A 424 16.90 18.66 -13.29
C ASP A 424 15.88 18.11 -12.29
N GLY A 425 16.32 17.38 -11.25
CA GLY A 425 15.44 16.86 -10.20
C GLY A 425 14.61 15.65 -10.62
N THR A 426 14.72 15.19 -11.86
CA THR A 426 14.00 14.01 -12.41
C THR A 426 14.24 12.78 -11.52
N VAL A 427 13.15 12.10 -11.16
CA VAL A 427 13.25 10.90 -10.30
C VAL A 427 13.78 9.74 -11.14
N LEU A 428 14.91 9.19 -10.75
CA LEU A 428 15.54 8.04 -11.43
C LEU A 428 15.09 6.74 -10.79
N GLY A 429 14.90 6.72 -9.48
CA GLY A 429 14.54 5.47 -8.78
C GLY A 429 13.96 5.75 -7.42
N VAL A 430 13.12 4.83 -6.95
CA VAL A 430 12.38 4.90 -5.66
C VAL A 430 12.46 3.49 -5.07
N HIS A 431 12.88 3.38 -3.82
CA HIS A 431 13.26 2.10 -3.15
C HIS A 431 12.65 2.13 -1.76
N LEU A 432 11.75 1.21 -1.47
CA LEU A 432 10.94 1.20 -0.23
C LEU A 432 11.21 -0.13 0.45
N LEU A 433 11.42 -0.11 1.77
CA LEU A 433 11.37 -1.32 2.61
C LEU A 433 10.33 -1.08 3.71
N GLY A 434 9.34 -1.98 3.84
CA GLY A 434 8.36 -1.92 4.94
C GLY A 434 6.99 -2.37 4.48
N ASP A 435 6.10 -2.64 5.42
CA ASP A 435 4.71 -3.08 5.13
C ASP A 435 4.13 -2.10 4.11
N GLY A 436 3.54 -2.60 3.02
CA GLY A 436 2.86 -1.76 2.02
C GLY A 436 3.76 -1.30 0.89
N ALA A 437 5.08 -1.48 0.99
CA ALA A 437 6.09 -1.13 -0.04
C ALA A 437 5.61 -1.54 -1.43
N PRO A 438 5.25 -2.82 -1.70
CA PRO A 438 4.82 -3.25 -3.03
C PRO A 438 3.56 -2.51 -3.55
N GLU A 439 2.65 -2.18 -2.64
CA GLU A 439 1.39 -1.47 -2.97
C GLU A 439 1.73 -0.02 -3.25
N ILE A 440 2.61 0.57 -2.45
CA ILE A 440 3.00 1.99 -2.59
C ILE A 440 3.65 2.19 -3.95
N ILE A 441 4.49 1.25 -4.37
CA ILE A 441 5.42 1.50 -5.50
C ILE A 441 4.68 1.49 -6.83
N GLN A 442 3.51 0.84 -6.93
CA GLN A 442 2.85 0.68 -8.24
C GLN A 442 2.67 2.05 -8.90
N ALA A 443 2.01 2.99 -8.22
CA ALA A 443 1.66 4.32 -8.77
C ALA A 443 2.94 5.16 -8.90
N VAL A 444 3.98 4.84 -8.12
CA VAL A 444 5.33 5.43 -8.34
C VAL A 444 5.82 5.09 -9.76
N GLY A 445 5.55 3.87 -10.24
CA GLY A 445 5.87 3.47 -11.63
C GLY A 445 5.23 4.42 -12.63
N VAL A 446 3.98 4.78 -12.44
CA VAL A 446 3.26 5.75 -13.33
C VAL A 446 3.98 7.10 -13.27
N CYS A 447 4.39 7.53 -12.08
CA CYS A 447 5.07 8.83 -11.84
C CYS A 447 6.36 8.85 -12.66
N LEU A 448 7.11 7.76 -12.66
CA LEU A 448 8.42 7.72 -13.36
C LEU A 448 8.19 7.75 -14.89
N ARG A 449 7.12 7.10 -15.38
N ARG A 449 7.11 7.12 -15.36
CA ARG A 449 6.72 7.13 -16.80
CA ARG A 449 6.70 7.12 -16.80
C ARG A 449 6.34 8.57 -17.19
C ARG A 449 6.28 8.55 -17.20
N LEU A 450 5.75 9.33 -16.25
CA LEU A 450 5.39 10.75 -16.49
C LEU A 450 6.58 11.68 -16.25
N ASN A 451 7.77 11.15 -15.94
CA ASN A 451 9.02 11.94 -15.77
C ASN A 451 8.90 12.85 -14.55
N ALA A 452 8.31 12.34 -13.47
CA ALA A 452 8.15 13.07 -12.21
C ALA A 452 9.50 13.54 -11.67
N LYS A 453 9.56 14.79 -11.22
CA LYS A 453 10.71 15.38 -10.46
C LYS A 453 10.43 15.22 -8.96
N ILE A 454 11.47 15.32 -8.13
CA ILE A 454 11.36 15.29 -6.64
C ILE A 454 10.33 16.34 -6.20
N SER A 455 10.27 17.49 -6.88
CA SER A 455 9.34 18.61 -6.53
C SER A 455 7.89 18.22 -6.86
N ASP A 456 7.65 17.30 -7.81
CA ASP A 456 6.27 16.79 -8.06
C ASP A 456 5.82 15.94 -6.87
N PHE A 457 6.75 15.18 -6.31
CA PHE A 457 6.56 14.43 -5.04
C PHE A 457 6.34 15.42 -3.87
N TYR A 458 7.30 16.33 -3.59
CA TYR A 458 7.22 17.11 -2.32
C TYR A 458 6.06 18.11 -2.39
N ASN A 459 5.65 18.57 -3.58
CA ASN A 459 4.51 19.52 -3.74
C ASN A 459 3.17 18.78 -3.69
N THR A 460 3.13 17.45 -3.80
CA THR A 460 1.88 16.68 -3.62
C THR A 460 1.59 16.58 -2.14
N ILE A 461 0.33 16.75 -1.75
CA ILE A 461 -0.14 16.73 -0.34
C ILE A 461 -0.18 15.27 0.14
N GLY A 462 0.40 15.02 1.31
CA GLY A 462 0.45 13.68 1.92
C GLY A 462 -0.95 13.18 2.26
N VAL A 463 -1.13 11.86 2.19
CA VAL A 463 -2.22 11.12 2.88
C VAL A 463 -1.67 10.69 4.25
N HIS A 464 -2.35 11.11 5.31
CA HIS A 464 -1.87 10.96 6.70
C HIS A 464 -2.93 10.21 7.51
N PRO A 465 -2.57 9.21 8.35
CA PRO A 465 -1.20 8.72 8.47
C PRO A 465 -0.94 7.52 7.57
N THR A 466 0.13 7.56 6.79
CA THR A 466 0.61 6.45 5.93
C THR A 466 2.14 6.41 5.95
N SER A 467 2.73 5.31 5.51
CA SER A 467 4.18 5.22 5.20
C SER A 467 4.45 5.96 3.88
N ALA A 468 3.54 5.83 2.91
CA ALA A 468 3.62 6.43 1.56
C ALA A 468 3.84 7.95 1.64
N GLU A 469 3.21 8.67 2.57
CA GLU A 469 3.34 10.16 2.64
C GLU A 469 4.80 10.58 2.81
N GLU A 470 5.65 9.69 3.34
CA GLU A 470 7.09 9.97 3.48
C GLU A 470 7.67 10.39 2.12
N LEU A 471 7.16 9.81 1.04
CA LEU A 471 7.60 10.09 -0.35
C LEU A 471 7.34 11.55 -0.77
N CYS A 472 6.35 12.20 -0.13
CA CYS A 472 5.88 13.57 -0.47
C CYS A 472 6.39 14.59 0.58
N SER A 473 7.35 14.17 1.43
CA SER A 473 7.88 14.92 2.60
C SER A 473 9.40 15.12 2.49
N MET A 474 10.04 14.74 1.38
CA MET A 474 11.51 14.75 1.28
C MET A 474 11.90 15.82 0.26
N ARG A 475 12.51 16.91 0.75
CA ARG A 475 12.83 18.13 -0.04
C ARG A 475 14.34 18.35 -0.11
N THR A 476 15.11 17.75 0.81
CA THR A 476 16.57 18.00 0.96
C THR A 476 17.32 16.69 0.75
N PRO A 477 18.26 16.61 -0.23
CA PRO A 477 19.09 15.42 -0.39
C PRO A 477 19.81 15.03 0.92
N SER A 478 19.99 13.73 1.16
CA SER A 478 20.78 13.21 2.30
C SER A 478 22.24 13.22 1.89
N TYR A 479 22.51 12.92 0.63
CA TYR A 479 23.87 12.96 0.07
C TYR A 479 23.75 12.92 -1.45
N TYR A 480 24.89 12.93 -2.11
CA TYR A 480 25.00 13.07 -3.58
C TYR A 480 26.08 12.12 -4.08
N TYR A 481 25.97 11.77 -5.36
CA TYR A 481 27.10 11.29 -6.17
C TYR A 481 27.43 12.39 -7.18
N VAL A 482 28.70 12.80 -7.22
CA VAL A 482 29.22 13.79 -8.20
C VAL A 482 30.30 13.08 -9.00
N LYS A 483 30.10 13.02 -10.32
CA LYS A 483 30.94 12.24 -11.26
C LYS A 483 31.34 10.90 -10.63
N GLY A 484 30.36 10.20 -10.06
CA GLY A 484 30.50 8.82 -9.52
C GLY A 484 30.97 8.79 -8.08
N GLU A 485 31.32 9.95 -7.50
CA GLU A 485 31.92 10.04 -6.15
C GLU A 485 30.85 10.36 -5.12
N LYS A 486 30.71 9.56 -4.07
CA LYS A 486 29.76 9.84 -2.96
C LYS A 486 30.31 11.01 -2.13
N MET A 487 29.42 11.91 -1.68
CA MET A 487 29.73 13.07 -0.80
C MET A 487 28.44 13.63 -0.19
N GLU A 488 28.52 14.06 1.07
CA GLU A 488 27.44 14.74 1.82
C GLU A 488 26.92 15.96 1.04
N LYS A 489 27.80 16.78 0.46
CA LYS A 489 27.41 18.10 -0.09
C LYS A 489 28.05 18.32 -1.46
N LEU A 490 27.39 19.12 -2.30
CA LEU A 490 27.95 19.55 -3.62
C LEU A 490 29.09 20.53 -3.39
N PRO A 491 30.09 20.59 -4.30
CA PRO A 491 30.99 21.75 -4.38
C PRO A 491 30.32 22.99 -5.00
N LYS B 6 5.45 40.44 25.19
CA LYS B 6 6.66 40.75 24.37
C LYS B 6 6.21 41.03 22.94
N ALA B 7 7.18 41.29 22.04
CA ALA B 7 6.97 41.65 20.62
C ALA B 7 7.42 40.49 19.71
N PHE B 8 6.53 40.02 18.84
CA PHE B 8 6.76 38.88 17.92
C PHE B 8 6.45 39.32 16.50
N ASP B 9 7.18 38.77 15.53
CA ASP B 9 6.91 38.90 14.07
C ASP B 9 5.61 38.18 13.76
N LEU B 10 5.39 37.04 14.43
CA LEU B 10 4.23 36.17 14.20
C LEU B 10 3.78 35.58 15.54
N VAL B 11 2.48 35.66 15.80
CA VAL B 11 1.84 34.93 16.91
C VAL B 11 0.84 33.97 16.28
N VAL B 12 0.94 32.70 16.67
CA VAL B 12 0.06 31.61 16.16
C VAL B 12 -0.82 31.19 17.32
N ILE B 13 -2.13 31.24 17.10
CA ILE B 13 -3.12 30.75 18.09
C ILE B 13 -3.51 29.38 17.60
N GLY B 14 -3.11 28.35 18.34
CA GLY B 14 -3.28 26.93 18.02
C GLY B 14 -1.96 26.29 17.65
N ALA B 15 -1.47 25.39 18.51
CA ALA B 15 -0.19 24.64 18.31
C ALA B 15 -0.53 23.31 17.66
N GLY B 16 -1.23 23.36 16.52
CA GLY B 16 -1.68 22.16 15.79
C GLY B 16 -0.93 21.97 14.48
N SER B 17 -1.48 21.12 13.62
CA SER B 17 -0.85 20.68 12.36
C SER B 17 -0.41 21.93 11.59
N GLY B 18 -1.35 22.83 11.32
CA GLY B 18 -1.07 24.01 10.49
C GLY B 18 -0.25 25.02 11.26
N GLY B 19 -0.62 25.28 12.51
CA GLY B 19 0.03 26.27 13.37
C GLY B 19 1.50 25.96 13.62
N LEU B 20 1.83 24.69 13.88
CA LEU B 20 3.23 24.29 14.16
C LEU B 20 4.05 24.36 12.88
N GLU B 21 3.49 23.94 11.75
CA GLU B 21 4.15 24.06 10.43
C GLU B 21 4.51 25.53 10.20
N ALA B 22 3.53 26.42 10.35
CA ALA B 22 3.67 27.87 10.02
C ALA B 22 4.71 28.51 10.94
N GLY B 23 4.60 28.25 12.24
CA GLY B 23 5.50 28.77 13.29
C GLY B 23 6.91 28.23 13.17
N TRP B 24 7.07 26.93 12.91
CA TRP B 24 8.41 26.30 12.74
C TRP B 24 9.07 26.93 11.51
N ASN B 25 8.31 27.03 10.41
CA ASN B 25 8.81 27.59 9.14
C ASN B 25 9.20 29.06 9.31
N ALA B 26 8.34 29.89 9.91
CA ALA B 26 8.62 31.33 10.08
C ALA B 26 9.92 31.51 10.89
N ALA B 27 10.04 30.80 12.03
CA ALA B 27 11.22 30.82 12.92
C ALA B 27 12.46 30.29 12.17
N THR B 28 12.45 29.00 11.82
CA THR B 28 13.67 28.29 11.32
C THR B 28 13.99 28.62 9.86
N LEU B 29 13.00 28.87 8.99
CA LEU B 29 13.29 29.11 7.54
C LEU B 29 13.41 30.61 7.27
N TYR B 30 12.64 31.46 7.94
CA TYR B 30 12.62 32.92 7.63
C TYR B 30 13.24 33.72 8.79
N GLY B 31 13.68 33.04 9.85
CA GLY B 31 14.40 33.67 10.96
C GLY B 31 13.54 34.72 11.64
N LYS B 32 12.22 34.50 11.72
CA LYS B 32 11.27 35.38 12.42
C LYS B 32 11.24 34.98 13.89
N ARG B 33 10.80 35.88 14.76
CA ARG B 33 10.62 35.65 16.22
C ARG B 33 9.15 35.24 16.39
N VAL B 34 8.90 34.03 16.89
CA VAL B 34 7.54 33.40 16.78
C VAL B 34 7.05 32.96 18.16
N ALA B 35 5.79 33.34 18.47
CA ALA B 35 5.02 32.86 19.64
C ALA B 35 3.91 31.94 19.12
N VAL B 36 3.66 30.84 19.84
CA VAL B 36 2.54 29.91 19.56
C VAL B 36 1.82 29.68 20.86
N VAL B 37 0.50 29.62 20.83
CA VAL B 37 -0.37 29.49 22.03
C VAL B 37 -1.22 28.24 21.90
N ASP B 38 -1.31 27.46 22.98
CA ASP B 38 -2.26 26.34 23.06
C ASP B 38 -2.68 26.14 24.52
N VAL B 39 -3.80 25.46 24.68
CA VAL B 39 -4.57 25.46 25.94
C VAL B 39 -4.04 24.34 26.83
N GLN B 40 -3.21 23.45 26.29
CA GLN B 40 -2.72 22.24 26.99
C GLN B 40 -1.37 21.81 26.40
N THR B 41 -0.50 21.20 27.21
CA THR B 41 0.83 20.75 26.77
C THR B 41 0.75 19.26 26.41
N SER B 42 -0.27 18.56 26.92
CA SER B 42 -0.42 17.12 26.63
C SER B 42 -1.89 16.77 26.48
N HIS B 43 -2.11 15.61 25.87
CA HIS B 43 -3.41 15.13 25.35
C HIS B 43 -4.42 14.98 26.47
N GLY B 44 -5.69 15.05 26.14
CA GLY B 44 -6.75 14.46 26.97
C GLY B 44 -7.51 15.52 27.76
N PRO B 45 -8.46 15.06 28.60
CA PRO B 45 -9.29 15.93 29.43
C PRO B 45 -8.44 16.92 30.22
N PRO B 46 -8.89 18.18 30.37
CA PRO B 46 -10.22 18.63 29.90
C PRO B 46 -10.37 19.15 28.46
N PHE B 47 -9.33 19.62 27.77
CA PHE B 47 -9.52 20.32 26.46
C PHE B 47 -9.17 19.42 25.25
N TYR B 48 -8.73 18.18 25.49
CA TYR B 48 -8.55 17.08 24.50
C TYR B 48 -7.45 17.39 23.48
N ALA B 49 -7.63 18.36 22.59
CA ALA B 49 -6.52 18.87 21.75
C ALA B 49 -5.50 19.56 22.66
N ALA B 50 -4.28 19.75 22.18
CA ALA B 50 -3.17 20.23 23.01
C ALA B 50 -2.01 20.48 22.06
N LEU B 51 -0.87 20.86 22.60
CA LEU B 51 0.41 20.90 21.85
C LEU B 51 0.44 19.71 20.88
N GLY B 52 0.57 19.98 19.58
CA GLY B 52 0.55 18.96 18.50
C GLY B 52 -0.69 19.10 17.62
N GLY B 53 -1.82 19.54 18.16
CA GLY B 53 -3.07 19.73 17.40
C GLY B 53 -4.03 18.59 17.62
N THR B 54 -5.12 18.56 16.86
CA THR B 54 -6.22 17.57 17.03
C THR B 54 -5.71 16.22 16.53
N CYS B 55 -4.93 16.25 15.46
CA CYS B 55 -4.48 15.02 14.76
C CYS B 55 -3.61 14.20 15.73
N VAL B 56 -2.62 14.85 16.32
CA VAL B 56 -1.68 14.21 17.27
C VAL B 56 -2.44 13.68 18.47
N ASN B 57 -3.31 14.49 19.04
CA ASN B 57 -3.87 14.26 20.41
C ASN B 57 -5.16 13.43 20.34
N VAL B 58 -6.10 13.81 19.47
CA VAL B 58 -7.44 13.13 19.42
C VAL B 58 -7.93 13.11 17.96
N GLY B 59 -7.05 12.71 17.04
CA GLY B 59 -7.43 12.48 15.63
C GLY B 59 -6.59 11.39 15.00
N CYS B 60 -5.94 11.72 13.88
CA CYS B 60 -5.32 10.77 12.92
C CYS B 60 -4.42 9.79 13.68
N VAL B 61 -3.58 10.31 14.56
CA VAL B 61 -2.50 9.48 15.18
C VAL B 61 -3.15 8.44 16.08
N PRO B 62 -3.88 8.82 17.16
CA PRO B 62 -4.47 7.81 18.03
C PRO B 62 -5.47 6.94 17.26
N LYS B 63 -6.26 7.53 16.37
CA LYS B 63 -7.32 6.71 15.72
C LYS B 63 -6.66 5.64 14.85
N LYS B 64 -5.56 5.96 14.16
CA LYS B 64 -4.88 4.96 13.31
C LYS B 64 -4.30 3.83 14.18
N LEU B 65 -3.67 4.15 15.31
CA LEU B 65 -3.18 3.13 16.29
C LEU B 65 -4.34 2.24 16.73
N MET B 66 -5.50 2.83 16.98
CA MET B 66 -6.69 2.08 17.45
C MET B 66 -7.28 1.27 16.30
N VAL B 67 -7.30 1.80 15.09
CA VAL B 67 -7.81 0.98 13.95
C VAL B 67 -6.84 -0.18 13.74
N THR B 68 -5.53 0.05 13.85
CA THR B 68 -4.52 -1.03 13.76
C THR B 68 -4.87 -2.14 14.77
N GLY B 69 -5.14 -1.76 16.00
CA GLY B 69 -5.57 -2.71 17.04
C GLY B 69 -6.80 -3.47 16.59
N ALA B 70 -7.82 -2.75 16.11
CA ALA B 70 -9.12 -3.31 15.68
C ALA B 70 -8.86 -4.33 14.59
N GLN B 71 -7.86 -4.06 13.73
CA GLN B 71 -7.53 -4.95 12.57
C GLN B 71 -7.17 -6.37 13.05
N TYR B 72 -6.62 -6.56 14.26
CA TYR B 72 -6.22 -7.93 14.71
C TYR B 72 -7.44 -8.84 14.89
N MET B 73 -8.65 -8.30 15.11
CA MET B 73 -9.85 -9.16 15.20
C MET B 73 -9.98 -9.97 13.92
N ASP B 74 -9.80 -9.29 12.79
CA ASP B 74 -9.83 -9.90 11.43
C ASP B 74 -8.62 -10.82 11.26
N HIS B 75 -7.41 -10.38 11.57
CA HIS B 75 -6.17 -11.16 11.37
C HIS B 75 -6.30 -12.49 12.13
N LEU B 76 -6.71 -12.44 13.41
CA LEU B 76 -6.74 -13.66 14.24
C LEU B 76 -7.69 -14.67 13.58
N ARG B 77 -8.90 -14.24 13.25
CA ARG B 77 -9.91 -15.08 12.55
C ARG B 77 -9.33 -15.57 11.20
N GLU B 78 -8.79 -14.65 10.41
CA GLU B 78 -8.36 -14.92 9.01
C GLU B 78 -7.15 -15.85 9.01
N SER B 79 -6.37 -15.86 10.09
CA SER B 79 -5.12 -16.66 10.16
C SER B 79 -5.49 -18.14 9.94
N ALA B 80 -6.70 -18.55 10.32
CA ALA B 80 -7.08 -19.98 10.36
C ALA B 80 -7.11 -20.53 8.94
N GLY B 81 -7.58 -19.76 7.96
CA GLY B 81 -7.56 -20.21 6.55
C GLY B 81 -6.15 -20.59 6.07
N PHE B 82 -5.12 -19.93 6.63
CA PHE B 82 -3.69 -20.12 6.26
C PHE B 82 -3.03 -21.10 7.24
N GLY B 83 -3.85 -21.76 8.06
CA GLY B 83 -3.49 -22.95 8.85
C GLY B 83 -3.06 -22.59 10.26
N TRP B 84 -3.23 -21.34 10.67
CA TRP B 84 -2.94 -20.96 12.07
C TRP B 84 -4.05 -21.51 12.97
N GLU B 85 -3.63 -22.04 14.09
CA GLU B 85 -4.48 -22.78 15.05
C GLU B 85 -4.08 -22.28 16.42
N PHE B 86 -5.06 -21.85 17.21
CA PHE B 86 -4.89 -21.47 18.62
C PHE B 86 -6.24 -21.57 19.32
N ASP B 87 -6.24 -21.45 20.63
CA ASP B 87 -7.46 -21.55 21.46
C ASP B 87 -8.30 -20.27 21.33
N GLY B 88 -9.26 -20.27 20.40
CA GLY B 88 -10.14 -19.12 20.11
C GLY B 88 -10.87 -18.61 21.35
N SER B 89 -11.24 -19.50 22.26
CA SER B 89 -11.98 -19.15 23.49
C SER B 89 -11.04 -18.43 24.47
N SER B 90 -9.72 -18.44 24.25
CA SER B 90 -8.75 -17.70 25.12
C SER B 90 -8.66 -16.24 24.67
N VAL B 91 -9.31 -15.88 23.57
CA VAL B 91 -9.06 -14.58 22.87
C VAL B 91 -9.83 -13.46 23.58
N LYS B 92 -9.12 -12.45 24.07
CA LYS B 92 -9.68 -11.21 24.65
C LYS B 92 -9.01 -10.02 23.98
N ALA B 93 -9.83 -9.03 23.61
CA ALA B 93 -9.41 -7.69 23.17
C ALA B 93 -9.35 -6.78 24.40
N ASN B 94 -8.15 -6.53 24.93
CA ASN B 94 -7.93 -5.68 26.11
C ASN B 94 -7.86 -4.21 25.67
N TRP B 95 -9.00 -3.55 25.75
CA TRP B 95 -9.19 -2.11 25.42
C TRP B 95 -8.29 -1.24 26.32
N LYS B 96 -8.14 -1.61 27.59
CA LYS B 96 -7.31 -0.85 28.57
C LYS B 96 -5.86 -0.76 28.04
N LYS B 97 -5.28 -1.86 27.60
CA LYS B 97 -3.90 -1.87 27.04
C LYS B 97 -3.83 -0.99 25.78
N LEU B 98 -4.80 -1.14 24.87
CA LEU B 98 -4.87 -0.31 23.65
C LEU B 98 -4.73 1.16 24.05
N ILE B 99 -5.61 1.61 24.94
CA ILE B 99 -5.71 3.03 25.38
C ILE B 99 -4.39 3.45 26.03
N ALA B 100 -3.83 2.61 26.90
CA ALA B 100 -2.54 2.86 27.59
C ALA B 100 -1.43 3.00 26.54
N ALA B 101 -1.36 2.07 25.59
CA ALA B 101 -0.38 2.11 24.48
C ALA B 101 -0.57 3.40 23.68
N LYS B 102 -1.81 3.76 23.34
CA LYS B 102 -2.12 4.99 22.54
C LYS B 102 -1.70 6.23 23.33
N ASN B 103 -2.06 6.29 24.61
CA ASN B 103 -1.71 7.43 25.51
C ASN B 103 -0.19 7.62 25.53
N GLU B 104 0.58 6.57 25.74
CA GLU B 104 2.07 6.70 25.80
C GLU B 104 2.56 7.26 24.47
N ALA B 105 2.02 6.76 23.35
CA ALA B 105 2.45 7.18 22.01
C ALA B 105 2.13 8.66 21.81
N VAL B 106 0.93 9.09 22.21
CA VAL B 106 0.51 10.50 22.04
C VAL B 106 1.37 11.36 22.98
N LEU B 107 1.56 10.92 24.23
CA LEU B 107 2.37 11.71 25.19
C LEU B 107 3.80 11.89 24.66
N ASP B 108 4.41 10.86 24.09
CA ASP B 108 5.80 11.03 23.58
C ASP B 108 5.81 12.13 22.53
N ILE B 109 4.77 12.22 21.69
CA ILE B 109 4.70 13.30 20.67
C ILE B 109 4.60 14.65 21.40
N ASN B 110 3.64 14.77 22.34
CA ASN B 110 3.50 15.96 23.23
C ASN B 110 4.90 16.36 23.73
N LYS B 111 5.58 15.44 24.41
CA LYS B 111 6.91 15.70 25.02
C LYS B 111 7.87 16.19 23.93
N SER B 112 7.88 15.57 22.76
CA SER B 112 8.87 15.96 21.73
C SER B 112 8.59 17.39 21.27
N TYR B 113 7.32 17.77 21.14
CA TYR B 113 6.93 19.17 20.79
C TYR B 113 7.39 20.12 21.89
N GLU B 114 7.21 19.76 23.16
CA GLU B 114 7.81 20.52 24.30
C GLU B 114 9.30 20.77 24.04
N GLY B 115 10.06 19.70 23.77
CA GLY B 115 11.51 19.74 23.48
C GLY B 115 11.80 20.61 22.28
N MET B 116 10.97 20.52 21.23
CA MET B 116 11.10 21.37 20.02
C MET B 116 11.08 22.86 20.42
N PHE B 117 10.15 23.26 21.29
CA PHE B 117 9.98 24.68 21.74
C PHE B 117 11.20 25.07 22.60
N ASN B 118 11.65 24.21 23.51
CA ASN B 118 12.86 24.45 24.34
C ASN B 118 14.06 24.70 23.43
N ASP B 119 14.22 23.86 22.41
CA ASP B 119 15.47 23.70 21.63
C ASP B 119 15.52 24.70 20.46
N THR B 120 14.36 25.15 19.96
CA THR B 120 14.23 26.10 18.82
C THR B 120 14.27 27.55 19.35
N GLU B 121 15.38 28.25 19.08
CA GLU B 121 15.53 29.69 19.41
C GLU B 121 14.56 30.47 18.50
N GLY B 122 13.82 31.42 19.07
CA GLY B 122 12.91 32.29 18.30
C GLY B 122 11.57 31.61 18.06
N LEU B 123 11.28 30.54 18.80
CA LEU B 123 9.99 29.84 18.79
C LEU B 123 9.54 29.61 20.24
N ASP B 124 8.59 30.41 20.70
CA ASP B 124 8.11 30.38 22.11
C ASP B 124 6.70 29.82 22.16
N PHE B 125 6.49 28.90 23.09
CA PHE B 125 5.18 28.37 23.49
C PHE B 125 4.64 29.17 24.67
N PHE B 126 3.35 29.50 24.64
CA PHE B 126 2.60 30.09 25.77
C PHE B 126 1.39 29.21 26.02
N LEU B 127 1.22 28.79 27.27
CA LEU B 127 0.07 27.98 27.70
C LEU B 127 -1.12 28.90 27.99
N GLY B 128 -2.29 28.51 27.50
CA GLY B 128 -3.60 29.11 27.84
C GLY B 128 -4.37 29.51 26.59
N TRP B 129 -5.31 30.46 26.74
CA TRP B 129 -6.37 30.73 25.72
C TRP B 129 -6.07 32.02 25.00
N GLY B 130 -5.70 31.90 23.72
CA GLY B 130 -5.48 33.03 22.80
C GLY B 130 -6.81 33.60 22.38
N SER B 131 -6.82 34.92 22.20
CA SER B 131 -7.95 35.71 21.65
C SER B 131 -7.35 37.03 21.20
N LEU B 132 -8.02 37.72 20.29
CA LEU B 132 -7.53 38.98 19.71
C LEU B 132 -8.02 40.12 20.58
N GLU B 133 -7.09 40.85 21.19
CA GLU B 133 -7.38 42.10 21.93
C GLU B 133 -7.47 43.22 20.89
N SER B 134 -6.44 43.37 20.07
CA SER B 134 -6.37 44.34 18.95
C SER B 134 -5.70 43.66 17.77
N LYS B 135 -5.51 44.38 16.66
CA LYS B 135 -5.04 43.84 15.36
C LYS B 135 -3.55 43.47 15.45
N ASN B 136 -2.88 43.82 16.54
CA ASN B 136 -1.42 43.58 16.76
C ASN B 136 -1.18 43.11 18.19
N VAL B 137 -2.20 42.58 18.85
CA VAL B 137 -2.09 42.14 20.27
C VAL B 137 -2.94 40.90 20.44
N VAL B 138 -2.30 39.78 20.72
CA VAL B 138 -3.00 38.55 21.18
C VAL B 138 -2.90 38.52 22.70
N VAL B 139 -4.00 38.25 23.37
CA VAL B 139 -4.06 38.10 24.84
C VAL B 139 -4.25 36.61 25.12
N VAL B 140 -3.42 36.09 26.03
CA VAL B 140 -3.49 34.70 26.54
C VAL B 140 -4.05 34.80 27.96
N ARG B 141 -5.11 34.03 28.21
CA ARG B 141 -5.92 34.05 29.44
C ARG B 141 -6.01 32.65 30.05
N GLU B 142 -6.47 32.60 31.30
CA GLU B 142 -6.49 31.38 32.14
C GLU B 142 -7.46 30.39 31.51
N THR B 143 -8.64 30.84 31.11
CA THR B 143 -9.74 30.00 30.53
C THR B 143 -10.28 30.62 29.24
N ALA B 144 -11.22 29.90 28.61
CA ALA B 144 -11.93 30.29 27.37
C ALA B 144 -12.70 31.60 27.64
N ASP B 145 -13.19 31.76 28.87
CA ASP B 145 -13.91 32.97 29.35
C ASP B 145 -13.01 34.20 29.17
N PRO B 146 -13.45 35.26 28.44
CA PRO B 146 -12.62 36.44 28.22
C PRO B 146 -12.45 37.34 29.46
N LYS B 147 -13.21 37.05 30.53
CA LYS B 147 -13.09 37.71 31.85
C LYS B 147 -11.93 37.07 32.63
N SER B 148 -11.53 35.83 32.28
CA SER B 148 -10.47 35.05 32.96
C SER B 148 -9.17 35.85 33.04
N ALA B 149 -8.32 35.49 34.01
CA ALA B 149 -7.05 36.18 34.33
C ALA B 149 -6.14 36.17 33.10
N VAL B 150 -5.51 37.31 32.82
CA VAL B 150 -4.54 37.48 31.71
C VAL B 150 -3.23 36.81 32.11
N LYS B 151 -2.72 35.90 31.27
CA LYS B 151 -1.43 35.21 31.49
C LYS B 151 -0.38 35.98 30.71
N GLU B 152 -0.67 36.35 29.47
CA GLU B 152 0.28 37.10 28.63
C GLU B 152 -0.50 38.05 27.73
N ARG B 153 0.21 39.06 27.23
CA ARG B 153 -0.25 39.97 26.16
C ARG B 153 0.92 40.06 25.18
N LEU B 154 0.68 39.70 23.92
CA LEU B 154 1.73 39.38 22.93
C LEU B 154 1.56 40.33 21.75
N GLN B 155 2.49 41.28 21.62
CA GLN B 155 2.51 42.22 20.47
C GLN B 155 3.00 41.41 19.27
N ALA B 156 2.29 41.56 18.15
CA ALA B 156 2.46 40.74 16.93
C ALA B 156 2.31 41.64 15.71
N ASP B 157 3.37 41.72 14.90
CA ASP B 157 3.31 42.27 13.52
C ASP B 157 2.21 41.52 12.77
N HIS B 158 2.25 40.19 12.83
CA HIS B 158 1.37 39.27 12.06
C HIS B 158 0.74 38.24 13.01
N ILE B 159 -0.50 37.89 12.75
CA ILE B 159 -1.29 36.94 13.60
C ILE B 159 -1.87 35.83 12.72
N LEU B 160 -1.60 34.59 13.10
CA LEU B 160 -2.15 33.39 12.42
C LEU B 160 -3.16 32.72 13.35
N LEU B 161 -4.39 32.58 12.88
CA LEU B 161 -5.47 31.82 13.59
C LEU B 161 -5.40 30.39 13.09
N ALA B 162 -5.22 29.41 13.98
CA ALA B 162 -4.99 28.00 13.63
C ALA B 162 -5.57 27.10 14.72
N THR B 163 -6.77 27.44 15.19
CA THR B 163 -7.43 26.83 16.38
C THR B 163 -8.22 25.58 15.99
N GLY B 164 -8.29 25.28 14.70
CA GLY B 164 -8.87 24.03 14.19
C GLY B 164 -10.38 24.01 14.36
N SER B 165 -10.94 22.82 14.55
CA SER B 165 -12.40 22.61 14.62
C SER B 165 -12.72 21.88 15.90
N TRP B 166 -13.99 21.50 16.08
CA TRP B 166 -14.52 20.95 17.34
C TRP B 166 -15.76 20.13 17.05
N PRO B 167 -16.05 19.02 17.77
CA PRO B 167 -17.20 18.19 17.41
C PRO B 167 -18.48 19.04 17.49
N GLN B 168 -19.40 18.80 16.57
CA GLN B 168 -20.76 19.38 16.57
C GLN B 168 -21.66 18.42 17.34
N MET B 169 -22.44 18.93 18.29
CA MET B 169 -23.43 18.10 19.05
C MET B 169 -24.80 18.65 18.69
N PRO B 170 -25.72 17.81 18.18
CA PRO B 170 -27.06 18.28 17.86
C PRO B 170 -27.70 18.70 19.20
N ALA B 171 -28.31 19.89 19.23
CA ALA B 171 -29.13 20.37 20.37
C ALA B 171 -30.39 19.51 20.42
N ILE B 172 -30.30 18.33 21.05
CA ILE B 172 -31.45 17.42 21.31
C ILE B 172 -31.57 17.19 22.82
N PRO B 173 -32.77 16.82 23.31
CA PRO B 173 -32.91 16.41 24.70
C PRO B 173 -31.94 15.25 24.94
N GLY B 174 -31.15 15.36 26.02
CA GLY B 174 -30.25 14.29 26.48
C GLY B 174 -28.90 14.33 25.79
N ILE B 175 -28.59 15.41 25.06
CA ILE B 175 -27.28 15.59 24.40
C ILE B 175 -26.17 15.37 25.46
N GLU B 176 -26.41 15.74 26.72
CA GLU B 176 -25.41 15.67 27.82
C GLU B 176 -25.07 14.20 28.16
N HIS B 177 -25.87 13.23 27.74
CA HIS B 177 -25.63 11.78 27.99
C HIS B 177 -24.84 11.16 26.83
N CYS B 178 -24.49 11.97 25.81
CA CYS B 178 -23.74 11.57 24.60
C CYS B 178 -22.31 12.14 24.67
N ILE B 179 -21.40 11.56 23.90
CA ILE B 179 -19.99 12.02 23.80
C ILE B 179 -19.64 12.28 22.34
N SER B 180 -18.46 12.84 22.08
CA SER B 180 -17.88 12.96 20.73
C SER B 180 -16.67 12.02 20.62
N SER B 181 -15.93 12.12 19.52
CA SER B 181 -14.65 11.40 19.32
C SER B 181 -13.71 11.74 20.49
N ASN B 182 -13.70 12.98 20.95
CA ASN B 182 -12.82 13.47 22.05
C ASN B 182 -12.87 12.48 23.22
N GLU B 183 -14.06 12.24 23.78
CA GLU B 183 -14.27 11.38 24.97
C GLU B 183 -14.02 9.90 24.59
N ALA B 184 -14.31 9.52 23.35
CA ALA B 184 -14.20 8.12 22.87
C ALA B 184 -12.76 7.61 23.02
N PHE B 185 -11.79 8.50 22.83
CA PHE B 185 -10.35 8.20 22.95
C PHE B 185 -9.97 7.89 24.40
N TYR B 186 -10.84 8.20 25.36
CA TYR B 186 -10.52 8.07 26.81
C TYR B 186 -11.55 7.22 27.55
N LEU B 187 -12.44 6.53 26.85
CA LEU B 187 -13.36 5.61 27.55
C LEU B 187 -12.47 4.63 28.33
N PRO B 188 -12.76 4.38 29.63
CA PRO B 188 -11.91 3.52 30.45
C PRO B 188 -12.12 2.04 30.11
N GLU B 189 -13.35 1.72 29.69
CA GLU B 189 -13.79 0.37 29.28
C GLU B 189 -14.41 0.43 27.89
N PRO B 190 -14.33 -0.67 27.11
CA PRO B 190 -14.90 -0.71 25.78
C PRO B 190 -16.38 -0.92 25.96
N PRO B 191 -17.25 -0.09 25.35
CA PRO B 191 -18.70 -0.23 25.53
C PRO B 191 -19.15 -1.60 24.98
N ARG B 192 -20.08 -2.27 25.65
CA ARG B 192 -20.68 -3.52 25.12
C ARG B 192 -21.61 -3.16 23.94
N ARG B 193 -22.33 -2.06 24.08
CA ARG B 193 -23.26 -1.53 23.05
C ARG B 193 -22.93 -0.07 22.84
N VAL B 194 -22.63 0.31 21.60
CA VAL B 194 -22.35 1.71 21.25
C VAL B 194 -23.16 2.02 19.98
N LEU B 195 -23.78 3.20 19.95
CA LEU B 195 -24.34 3.83 18.73
C LEU B 195 -23.35 4.91 18.30
N THR B 196 -22.78 4.78 17.11
CA THR B 196 -22.03 5.87 16.45
C THR B 196 -23.04 6.59 15.54
N VAL B 197 -23.11 7.90 15.66
CA VAL B 197 -24.10 8.76 14.98
C VAL B 197 -23.36 9.56 13.92
N GLY B 198 -23.63 9.28 12.64
CA GLY B 198 -22.97 9.95 11.52
C GLY B 198 -22.56 8.94 10.48
N GLY B 199 -22.53 9.35 9.22
CA GLY B 199 -22.04 8.51 8.12
C GLY B 199 -20.66 8.91 7.65
N GLY B 200 -20.00 9.84 8.32
CA GLY B 200 -18.67 10.35 7.93
C GLY B 200 -17.53 9.44 8.41
N PHE B 201 -16.28 9.77 8.08
CA PHE B 201 -15.12 8.88 8.34
C PHE B 201 -15.01 8.57 9.85
N ILE B 202 -15.29 9.54 10.70
CA ILE B 202 -15.09 9.37 12.18
C ILE B 202 -16.08 8.34 12.73
N SER B 203 -17.38 8.47 12.40
CA SER B 203 -18.39 7.48 12.83
C SER B 203 -17.98 6.09 12.33
N VAL B 204 -17.61 6.00 11.06
CA VAL B 204 -17.27 4.71 10.42
C VAL B 204 -16.00 4.14 11.06
N GLU B 205 -14.95 4.95 11.20
CA GLU B 205 -13.66 4.50 11.78
C GLU B 205 -13.88 4.00 13.20
N PHE B 206 -14.55 4.78 14.05
CA PHE B 206 -14.85 4.37 15.45
C PHE B 206 -15.77 3.15 15.46
N ALA B 207 -16.73 3.04 14.55
CA ALA B 207 -17.62 1.86 14.51
C ALA B 207 -16.72 0.63 14.46
N GLY B 208 -15.68 0.67 13.63
CA GLY B 208 -14.76 -0.46 13.43
C GLY B 208 -13.95 -0.74 14.69
N ILE B 209 -13.47 0.34 15.32
CA ILE B 209 -12.63 0.27 16.54
C ILE B 209 -13.45 -0.43 17.64
N PHE B 210 -14.61 0.12 17.97
CA PHE B 210 -15.55 -0.44 18.99
C PHE B 210 -15.94 -1.87 18.65
N ASN B 211 -16.07 -2.17 17.36
CA ASN B 211 -16.58 -3.47 16.92
C ASN B 211 -15.57 -4.56 17.32
N ALA B 212 -14.27 -4.25 17.26
CA ALA B 212 -13.17 -5.20 17.51
C ALA B 212 -12.98 -5.42 19.01
N TYR B 213 -13.19 -4.39 19.81
CA TYR B 213 -12.84 -4.36 21.26
C TYR B 213 -14.08 -4.53 22.14
N LYS B 214 -15.28 -4.61 21.54
CA LYS B 214 -16.52 -4.79 22.35
C LYS B 214 -16.42 -6.09 23.16
N PRO B 215 -16.87 -6.10 24.44
CA PRO B 215 -16.89 -7.33 25.22
C PRO B 215 -17.86 -8.36 24.62
N PRO B 216 -17.72 -9.67 24.95
CA PRO B 216 -18.59 -10.70 24.40
C PRO B 216 -20.10 -10.32 24.46
N GLY B 217 -20.86 -10.83 23.49
CA GLY B 217 -22.27 -10.44 23.24
C GLY B 217 -22.45 -8.93 23.14
N GLY B 218 -21.45 -8.19 22.68
CA GLY B 218 -21.56 -6.75 22.42
C GLY B 218 -22.10 -6.50 21.02
N LYS B 219 -22.48 -5.27 20.73
CA LYS B 219 -23.03 -4.89 19.40
C LYS B 219 -22.73 -3.41 19.14
N VAL B 220 -22.24 -3.12 17.94
CA VAL B 220 -22.00 -1.73 17.46
C VAL B 220 -23.10 -1.38 16.46
N THR B 221 -23.70 -0.21 16.64
CA THR B 221 -24.74 0.35 15.75
C THR B 221 -24.28 1.73 15.30
N LEU B 222 -24.29 1.94 13.99
CA LEU B 222 -24.06 3.23 13.31
C LEU B 222 -25.37 3.66 12.67
N CYS B 223 -25.75 4.89 12.91
CA CYS B 223 -26.96 5.51 12.33
C CYS B 223 -26.51 6.73 11.52
N TYR B 224 -27.22 6.93 10.43
CA TYR B 224 -26.96 8.00 9.45
C TYR B 224 -28.31 8.48 8.91
N ARG B 225 -28.50 9.79 8.88
CA ARG B 225 -29.77 10.47 8.49
C ARG B 225 -30.12 10.08 7.05
N ASN B 226 -29.13 9.99 6.17
CA ASN B 226 -29.32 9.79 4.71
C ASN B 226 -29.29 8.30 4.42
N ASN B 227 -29.42 7.92 3.15
CA ASN B 227 -29.70 6.56 2.66
C ASN B 227 -28.41 5.73 2.59
N LEU B 228 -27.24 6.34 2.53
CA LEU B 228 -25.97 5.61 2.25
C LEU B 228 -24.81 6.34 2.93
N ILE B 229 -24.01 5.62 3.72
CA ILE B 229 -22.93 6.25 4.50
C ILE B 229 -21.91 6.85 3.53
N LEU B 230 -21.09 7.74 4.07
CA LEU B 230 -19.84 8.26 3.46
C LEU B 230 -20.17 9.08 2.21
N ARG B 231 -21.08 10.05 2.33
N ARG B 231 -21.06 10.07 2.36
CA ARG B 231 -21.32 11.04 1.27
CA ARG B 231 -21.31 11.13 1.36
C ARG B 231 -19.99 11.71 0.91
C ARG B 231 -19.97 11.73 0.91
N GLY B 232 -19.79 11.99 -0.38
CA GLY B 232 -18.55 12.59 -0.92
C GLY B 232 -17.58 11.53 -1.41
N PHE B 233 -17.76 10.27 -1.01
CA PHE B 233 -16.94 9.12 -1.48
C PHE B 233 -17.62 8.51 -2.71
N ASP B 234 -16.84 7.74 -3.46
CA ASP B 234 -17.33 6.97 -4.62
C ASP B 234 -18.53 6.13 -4.19
N GLU B 235 -19.57 6.09 -5.01
CA GLU B 235 -20.86 5.44 -4.66
C GLU B 235 -20.68 3.92 -4.51
N THR B 236 -19.93 3.28 -5.42
CA THR B 236 -19.65 1.81 -5.34
C THR B 236 -18.93 1.53 -4.02
N ILE B 237 -17.98 2.37 -3.67
CA ILE B 237 -17.20 2.22 -2.41
C ILE B 237 -18.15 2.38 -1.22
N ARG B 238 -19.01 3.40 -1.24
CA ARG B 238 -20.03 3.62 -0.17
C ARG B 238 -20.87 2.36 0.05
N GLU B 239 -21.38 1.75 -1.02
CA GLU B 239 -22.27 0.55 -0.92
C GLU B 239 -21.46 -0.66 -0.45
N GLU B 240 -20.21 -0.81 -0.92
CA GLU B 240 -19.33 -1.94 -0.49
C GLU B 240 -18.91 -1.76 0.98
N VAL B 241 -18.48 -0.58 1.36
CA VAL B 241 -18.05 -0.40 2.78
C VAL B 241 -19.27 -0.67 3.69
N THR B 242 -20.49 -0.22 3.35
CA THR B 242 -21.74 -0.60 4.07
C THR B 242 -21.86 -2.14 4.20
N LYS B 243 -21.73 -2.86 3.09
CA LYS B 243 -21.80 -4.34 3.08
C LYS B 243 -20.74 -4.93 4.01
N GLN B 244 -19.50 -4.43 3.93
CA GLN B 244 -18.35 -5.09 4.59
C GLN B 244 -18.39 -4.80 6.09
N LEU B 245 -18.92 -3.64 6.49
CA LEU B 245 -19.15 -3.30 7.91
C LEU B 245 -20.20 -4.25 8.46
N THR B 246 -21.31 -4.39 7.73
CA THR B 246 -22.46 -5.28 8.07
C THR B 246 -21.91 -6.69 8.24
N ALA B 247 -21.08 -7.17 7.32
CA ALA B 247 -20.63 -8.58 7.31
C ALA B 247 -19.72 -8.84 8.53
N ASN B 248 -19.15 -7.79 9.12
CA ASN B 248 -18.31 -7.87 10.35
C ASN B 248 -19.16 -7.58 11.60
N GLY B 249 -20.49 -7.56 11.47
CA GLY B 249 -21.44 -7.57 12.60
C GLY B 249 -21.76 -6.18 13.11
N ILE B 250 -21.53 -5.14 12.31
CA ILE B 250 -21.98 -3.75 12.63
C ILE B 250 -23.38 -3.59 12.04
N GLU B 251 -24.31 -3.05 12.83
CA GLU B 251 -25.71 -2.73 12.41
C GLU B 251 -25.71 -1.30 11.86
N ILE B 252 -25.83 -1.16 10.54
CA ILE B 252 -25.97 0.14 9.83
C ILE B 252 -27.46 0.49 9.77
N MET B 253 -27.86 1.53 10.51
CA MET B 253 -29.21 2.15 10.48
C MET B 253 -29.20 3.42 9.64
N THR B 254 -29.49 3.31 8.35
CA THR B 254 -29.59 4.48 7.43
C THR B 254 -31.02 5.05 7.46
N ASN B 255 -31.19 6.30 7.05
CA ASN B 255 -32.42 7.11 7.20
C ASN B 255 -32.91 6.98 8.65
N GLU B 256 -32.03 7.30 9.60
CA GLU B 256 -32.30 7.24 11.06
C GLU B 256 -31.46 8.31 11.74
N ASN B 257 -32.08 9.03 12.69
CA ASN B 257 -31.38 10.10 13.46
C ASN B 257 -31.91 10.13 14.88
N PRO B 258 -31.03 10.24 15.92
CA PRO B 258 -31.50 10.34 17.31
C PRO B 258 -32.37 11.58 17.54
N ALA B 259 -33.60 11.38 18.00
CA ALA B 259 -34.52 12.47 18.42
C ALA B 259 -34.14 12.92 19.85
N LYS B 260 -33.83 11.97 20.74
CA LYS B 260 -33.44 12.28 22.14
C LYS B 260 -32.81 11.07 22.86
N VAL B 261 -32.20 11.37 24.01
CA VAL B 261 -31.50 10.37 24.86
C VAL B 261 -31.91 10.56 26.32
N SER B 262 -32.34 9.49 26.96
CA SER B 262 -32.60 9.43 28.42
C SER B 262 -31.69 8.33 29.00
N LEU B 263 -31.42 8.39 30.30
CA LEU B 263 -30.71 7.30 31.04
C LEU B 263 -31.75 6.26 31.45
N ASN B 264 -31.49 4.99 31.16
CA ASN B 264 -32.23 3.85 31.78
C ASN B 264 -31.88 3.86 33.27
N THR B 265 -32.48 2.97 34.08
CA THR B 265 -32.27 2.97 35.56
C THR B 265 -30.80 2.61 35.83
N ASP B 266 -30.25 1.65 35.06
CA ASP B 266 -28.85 1.17 35.21
C ASP B 266 -27.84 2.18 34.66
N GLY B 267 -28.28 3.28 34.03
CA GLY B 267 -27.39 4.38 33.59
C GLY B 267 -26.93 4.21 32.13
N SER B 268 -27.25 3.07 31.50
CA SER B 268 -27.23 2.89 30.03
C SER B 268 -28.06 4.01 29.39
N LYS B 269 -27.93 4.22 28.08
CA LYS B 269 -28.63 5.34 27.39
C LYS B 269 -29.77 4.75 26.57
N HIS B 270 -30.94 5.37 26.65
CA HIS B 270 -32.16 5.01 25.89
C HIS B 270 -32.22 5.92 24.67
N VAL B 271 -32.06 5.36 23.49
CA VAL B 271 -31.99 6.16 22.24
C VAL B 271 -33.38 6.14 21.61
N THR B 272 -33.96 7.32 21.46
CA THR B 272 -35.24 7.52 20.74
C THR B 272 -34.89 8.14 19.38
N PHE B 273 -34.94 7.32 18.34
CA PHE B 273 -34.76 7.73 16.92
C PHE B 273 -36.03 8.45 16.42
N GLU B 274 -35.84 9.42 15.52
CA GLU B 274 -36.93 10.22 14.90
C GLU B 274 -38.01 9.29 14.35
N SER B 275 -37.64 8.12 13.82
CA SER B 275 -38.55 7.08 13.26
C SER B 275 -39.41 6.43 14.34
N GLY B 276 -39.36 6.98 15.57
CA GLY B 276 -39.94 6.35 16.77
C GLY B 276 -39.03 5.29 17.39
N LYS B 277 -38.32 4.50 16.55
CA LYS B 277 -37.45 3.36 16.96
C LYS B 277 -36.64 3.70 18.22
N THR B 278 -36.23 2.66 18.97
CA THR B 278 -35.45 2.83 20.23
C THR B 278 -34.28 1.86 20.28
N LEU B 279 -33.21 2.31 20.92
CA LEU B 279 -31.98 1.50 21.11
C LEU B 279 -31.47 1.76 22.51
N ASP B 280 -31.09 0.69 23.20
CA ASP B 280 -30.38 0.74 24.50
C ASP B 280 -28.89 0.47 24.26
N VAL B 281 -28.05 1.41 24.66
CA VAL B 281 -26.58 1.38 24.41
C VAL B 281 -25.86 1.91 25.64
N ASP B 282 -24.60 1.52 25.79
CA ASP B 282 -23.72 1.95 26.91
C ASP B 282 -23.13 3.31 26.53
N VAL B 283 -22.93 3.55 25.23
CA VAL B 283 -22.29 4.79 24.70
C VAL B 283 -23.04 5.27 23.45
N VAL B 284 -23.25 6.58 23.34
CA VAL B 284 -23.73 7.29 22.13
C VAL B 284 -22.61 8.24 21.71
N MET B 285 -21.94 7.95 20.60
CA MET B 285 -20.85 8.82 20.09
C MET B 285 -21.38 9.65 18.92
N MET B 286 -21.55 10.95 19.15
CA MET B 286 -21.95 11.92 18.10
C MET B 286 -20.74 12.24 17.22
N ALA B 287 -20.81 11.86 15.94
CA ALA B 287 -19.81 12.18 14.90
C ALA B 287 -20.52 12.75 13.67
N ILE B 288 -21.30 13.82 13.86
CA ILE B 288 -22.23 14.39 12.83
C ILE B 288 -21.56 15.58 12.15
N GLY B 289 -20.47 16.10 12.69
CA GLY B 289 -19.76 17.21 12.03
C GLY B 289 -18.71 17.82 12.92
N ARG B 290 -17.85 18.65 12.32
CA ARG B 290 -16.85 19.42 13.07
C ARG B 290 -16.96 20.85 12.58
N ILE B 291 -16.94 21.82 13.49
CA ILE B 291 -17.13 23.24 13.12
C ILE B 291 -15.90 24.01 13.57
N PRO B 292 -15.56 25.09 12.82
CA PRO B 292 -14.42 25.94 13.13
C PRO B 292 -14.48 26.42 14.59
N ARG B 293 -13.34 26.51 15.26
CA ARG B 293 -13.27 27.03 16.65
C ARG B 293 -12.90 28.51 16.62
N THR B 294 -13.91 29.36 16.54
CA THR B 294 -13.73 30.82 16.44
C THR B 294 -14.39 31.56 17.61
N ASN B 295 -15.24 30.91 18.41
CA ASN B 295 -16.01 31.58 19.51
C ASN B 295 -15.09 32.25 20.52
N ASP B 296 -14.03 31.54 20.90
CA ASP B 296 -13.14 31.92 22.03
C ASP B 296 -12.12 32.95 21.57
N LEU B 297 -12.07 33.27 20.26
CA LEU B 297 -10.99 34.12 19.69
C LEU B 297 -11.34 35.62 19.82
N GLN B 298 -12.58 35.95 20.20
CA GLN B 298 -13.02 37.37 20.36
C GLN B 298 -12.68 38.13 19.07
N LEU B 299 -13.03 37.56 17.91
CA LEU B 299 -12.63 38.13 16.59
C LEU B 299 -13.39 39.43 16.31
N GLY B 300 -14.53 39.64 16.98
CA GLY B 300 -15.23 40.95 17.05
C GLY B 300 -14.30 42.10 17.42
N ASN B 301 -13.23 41.86 18.20
CA ASN B 301 -12.32 42.93 18.72
C ASN B 301 -11.48 43.51 17.59
N VAL B 302 -11.35 42.82 16.46
CA VAL B 302 -10.57 43.37 15.31
C VAL B 302 -11.40 43.27 14.02
N GLY B 303 -12.64 42.78 14.09
CA GLY B 303 -13.57 42.71 12.94
C GLY B 303 -13.09 41.78 11.83
N VAL B 304 -12.56 40.59 12.19
CA VAL B 304 -12.19 39.53 11.21
C VAL B 304 -13.46 38.91 10.65
N LYS B 305 -13.61 38.88 9.34
CA LYS B 305 -14.89 38.46 8.74
C LYS B 305 -15.06 36.95 8.93
N LEU B 306 -16.16 36.55 9.59
CA LEU B 306 -16.58 35.13 9.65
C LEU B 306 -17.70 34.86 8.65
N THR B 307 -17.90 33.59 8.33
CA THR B 307 -19.08 33.04 7.62
C THR B 307 -20.18 32.78 8.64
N PRO B 308 -21.47 32.74 8.24
CA PRO B 308 -22.55 32.26 9.11
C PRO B 308 -22.22 30.96 9.87
N LYS B 309 -21.60 29.98 9.18
CA LYS B 309 -21.06 28.70 9.72
C LYS B 309 -20.18 28.96 10.95
N GLY B 310 -19.41 30.05 10.95
CA GLY B 310 -18.44 30.40 12.00
C GLY B 310 -16.99 30.20 11.57
N GLY B 311 -16.73 29.92 10.29
CA GLY B 311 -15.37 29.82 9.75
C GLY B 311 -14.77 31.19 9.49
N VAL B 312 -13.44 31.29 9.53
CA VAL B 312 -12.71 32.55 9.16
C VAL B 312 -12.67 32.59 7.65
N GLN B 313 -13.28 33.60 7.04
CA GLN B 313 -13.25 33.74 5.58
C GLN B 313 -11.83 34.11 5.19
N VAL B 314 -11.29 33.43 4.19
CA VAL B 314 -9.92 33.66 3.68
C VAL B 314 -10.03 33.71 2.17
N ASP B 315 -9.10 34.41 1.55
CA ASP B 315 -8.83 34.34 0.09
C ASP B 315 -8.05 33.03 -0.13
N GLU B 316 -7.48 32.84 -1.32
CA GLU B 316 -6.72 31.64 -1.71
C GLU B 316 -5.37 31.62 -0.97
N PHE B 317 -4.89 32.79 -0.51
CA PHE B 317 -3.60 32.92 0.22
C PHE B 317 -3.79 32.93 1.74
N SER B 318 -4.99 32.58 2.24
CA SER B 318 -5.26 32.41 3.69
C SER B 318 -5.28 33.78 4.41
N ARG B 319 -5.51 34.88 3.66
CA ARG B 319 -5.59 36.25 4.22
C ARG B 319 -7.04 36.51 4.67
N THR B 320 -7.22 37.01 5.88
CA THR B 320 -8.54 37.47 6.38
C THR B 320 -8.77 38.84 5.74
N ASN B 321 -9.84 39.52 6.11
CA ASN B 321 -10.15 40.90 5.62
C ASN B 321 -9.24 41.89 6.35
N VAL B 322 -8.64 41.49 7.47
CA VAL B 322 -7.71 42.36 8.23
C VAL B 322 -6.28 42.03 7.81
N PRO B 323 -5.55 42.97 7.18
CA PRO B 323 -4.15 42.73 6.81
C PRO B 323 -3.35 42.36 8.06
N ASN B 324 -2.30 41.56 7.90
CA ASN B 324 -1.45 41.08 9.03
C ASN B 324 -2.17 39.98 9.84
N ILE B 325 -3.44 39.64 9.55
CA ILE B 325 -4.14 38.50 10.22
C ILE B 325 -4.56 37.47 9.18
N TYR B 326 -4.21 36.21 9.43
CA TYR B 326 -4.39 35.07 8.51
C TYR B 326 -5.01 33.90 9.27
N ALA B 327 -5.73 33.05 8.55
CA ALA B 327 -6.27 31.78 9.08
C ALA B 327 -5.89 30.63 8.14
N ILE B 328 -5.44 29.53 8.71
CA ILE B 328 -5.19 28.27 7.97
C ILE B 328 -5.84 27.14 8.75
N GLY B 329 -5.99 25.98 8.10
CA GLY B 329 -6.49 24.75 8.76
C GLY B 329 -7.99 24.73 8.83
N ASP B 330 -8.52 23.85 9.66
CA ASP B 330 -9.96 23.54 9.79
C ASP B 330 -10.74 24.84 10.12
N ILE B 331 -10.14 25.79 10.83
CA ILE B 331 -10.80 27.10 11.17
C ILE B 331 -11.34 27.79 9.90
N THR B 332 -10.73 27.53 8.74
CA THR B 332 -11.15 28.08 7.43
C THR B 332 -12.27 27.23 6.85
N ASP B 333 -12.52 26.05 7.42
CA ASP B 333 -13.64 25.15 7.02
C ASP B 333 -13.59 24.78 5.52
N ARG B 334 -12.42 24.67 4.89
CA ARG B 334 -12.33 24.18 3.49
C ARG B 334 -12.18 22.65 3.50
N LEU B 335 -10.95 22.14 3.60
CA LEU B 335 -10.62 20.71 3.67
C LEU B 335 -10.04 20.37 5.05
N MET B 336 -10.75 19.63 5.88
CA MET B 336 -10.30 19.35 7.27
C MET B 336 -9.41 18.10 7.30
N LEU B 337 -8.16 18.29 6.85
CA LEU B 337 -7.09 17.25 6.80
C LEU B 337 -5.79 17.90 7.28
N THR B 338 -5.00 17.14 8.02
CA THR B 338 -3.74 17.61 8.62
C THR B 338 -2.79 18.06 7.52
N PRO B 339 -2.57 17.27 6.44
CA PRO B 339 -1.62 17.70 5.41
C PRO B 339 -2.12 18.93 4.66
N VAL B 340 -3.42 19.17 4.61
CA VAL B 340 -3.92 20.42 3.96
C VAL B 340 -3.63 21.60 4.89
N ALA B 341 -3.92 21.43 6.17
CA ALA B 341 -3.60 22.41 7.22
C ALA B 341 -2.12 22.75 7.12
N ILE B 342 -1.27 21.71 7.10
CA ILE B 342 0.21 21.85 7.03
C ILE B 342 0.57 22.59 5.74
N ASN B 343 0.00 22.20 4.61
CA ASN B 343 0.31 22.84 3.31
C ASN B 343 -0.06 24.33 3.40
N GLU B 344 -1.27 24.63 3.87
CA GLU B 344 -1.79 26.02 4.01
C GLU B 344 -0.81 26.85 4.84
N GLY B 345 -0.30 26.27 5.93
CA GLY B 345 0.62 26.92 6.88
C GLY B 345 1.94 27.28 6.24
N ALA B 346 2.56 26.32 5.55
CA ALA B 346 3.81 26.54 4.80
C ALA B 346 3.61 27.65 3.76
N ALA B 347 2.54 27.55 2.96
CA ALA B 347 2.23 28.46 1.82
C ALA B 347 2.05 29.88 2.33
N LEU B 348 1.39 30.04 3.48
CA LEU B 348 1.16 31.37 4.09
C LEU B 348 2.53 31.99 4.43
N VAL B 349 3.33 31.27 5.21
CA VAL B 349 4.66 31.76 5.70
C VAL B 349 5.51 32.12 4.48
N ASP B 350 5.47 31.32 3.43
CA ASP B 350 6.24 31.60 2.19
C ASP B 350 5.71 32.88 1.53
N THR B 351 4.40 33.09 1.56
CA THR B 351 3.71 34.29 1.02
C THR B 351 4.15 35.54 1.79
N VAL B 352 3.95 35.55 3.11
CA VAL B 352 4.18 36.73 3.99
C VAL B 352 5.67 37.02 4.06
N PHE B 353 6.44 36.10 4.64
CA PHE B 353 7.87 36.29 5.00
C PHE B 353 8.82 35.93 3.86
N GLY B 354 8.38 35.13 2.87
CA GLY B 354 9.24 34.71 1.75
C GLY B 354 9.19 35.65 0.54
N ASN B 355 8.15 36.48 0.42
CA ASN B 355 7.71 37.13 -0.86
C ASN B 355 7.80 36.08 -1.99
N LYS B 356 7.46 34.82 -1.67
CA LYS B 356 7.30 33.70 -2.62
C LYS B 356 5.84 33.28 -2.52
N PRO B 357 4.93 33.99 -3.20
CA PRO B 357 3.51 33.88 -2.90
C PRO B 357 3.04 32.51 -3.39
N ARG B 358 2.42 31.73 -2.51
CA ARG B 358 1.91 30.40 -2.89
C ARG B 358 0.57 30.16 -2.22
N LYS B 359 -0.33 29.54 -2.98
CA LYS B 359 -1.64 29.07 -2.49
C LYS B 359 -1.68 27.54 -2.55
N THR B 360 -2.26 26.94 -1.52
CA THR B 360 -2.58 25.50 -1.44
C THR B 360 -3.60 25.17 -2.53
N ASP B 361 -3.38 24.06 -3.22
CA ASP B 361 -4.34 23.46 -4.16
C ASP B 361 -5.15 22.43 -3.39
N HIS B 362 -6.46 22.70 -3.25
CA HIS B 362 -7.44 21.90 -2.48
C HIS B 362 -8.08 20.87 -3.43
N THR B 363 -7.68 20.85 -4.70
CA THR B 363 -8.13 19.83 -5.68
C THR B 363 -7.12 18.69 -5.68
N ARG B 364 -7.61 17.49 -6.00
CA ARG B 364 -6.76 16.29 -6.23
C ARG B 364 -5.94 15.97 -4.99
N VAL B 365 -6.58 16.11 -3.83
CA VAL B 365 -5.93 15.77 -2.54
C VAL B 365 -6.28 14.32 -2.23
N ALA B 366 -5.25 13.48 -2.20
CA ALA B 366 -5.33 12.09 -1.71
C ALA B 366 -5.72 12.12 -0.23
N SER B 367 -6.68 11.30 0.13
CA SER B 367 -7.23 11.16 1.50
C SER B 367 -7.59 9.68 1.70
N ALA B 368 -7.89 9.29 2.92
CA ALA B 368 -8.19 7.89 3.28
C ALA B 368 -9.30 7.83 4.33
N VAL B 369 -9.98 6.71 4.40
CA VAL B 369 -10.85 6.37 5.54
C VAL B 369 -10.30 5.07 6.09
N PHE B 370 -10.00 5.00 7.38
CA PHE B 370 -9.40 3.79 8.00
C PHE B 370 -10.54 2.93 8.50
N SER B 371 -11.45 2.66 7.57
CA SER B 371 -12.47 1.60 7.72
C SER B 371 -11.72 0.29 7.62
N ILE B 372 -12.42 -0.80 7.85
CA ILE B 372 -11.88 -2.16 7.69
C ILE B 372 -12.85 -2.84 6.72
N PRO B 373 -12.41 -3.09 5.45
CA PRO B 373 -11.13 -2.59 4.93
C PRO B 373 -11.15 -1.09 4.62
N PRO B 374 -9.98 -0.46 4.42
CA PRO B 374 -9.90 1.00 4.24
C PRO B 374 -10.20 1.55 2.84
N ILE B 375 -10.36 2.88 2.75
CA ILE B 375 -10.57 3.62 1.48
C ILE B 375 -9.34 4.48 1.19
N GLY B 376 -8.95 4.58 -0.07
CA GLY B 376 -8.01 5.60 -0.52
C GLY B 376 -8.64 6.27 -1.71
N THR B 377 -8.61 7.59 -1.78
CA THR B 377 -9.28 8.34 -2.88
C THR B 377 -8.46 9.58 -3.20
N CYS B 378 -8.51 10.04 -4.44
CA CYS B 378 -7.90 11.30 -4.90
C CYS B 378 -8.71 11.80 -6.09
N GLY B 379 -9.15 13.05 -6.06
CA GLY B 379 -9.92 13.70 -7.14
C GLY B 379 -11.40 13.33 -7.13
N LEU B 380 -12.05 13.48 -8.28
CA LEU B 380 -13.53 13.62 -8.37
C LEU B 380 -14.18 12.24 -8.41
N ILE B 381 -15.33 12.09 -7.76
CA ILE B 381 -16.26 10.96 -7.99
C ILE B 381 -16.98 11.23 -9.31
N GLU B 382 -17.60 10.20 -9.87
CA GLU B 382 -18.09 10.23 -11.26
C GLU B 382 -19.25 11.24 -11.36
N GLU B 383 -20.20 11.20 -10.42
CA GLU B 383 -21.41 12.07 -10.42
C GLU B 383 -20.97 13.54 -10.48
N VAL B 384 -19.87 13.86 -9.80
CA VAL B 384 -19.31 15.24 -9.80
C VAL B 384 -18.73 15.48 -11.18
N ALA B 385 -17.83 14.58 -11.63
CA ALA B 385 -17.09 14.74 -12.89
C ALA B 385 -18.09 14.90 -14.05
N ALA B 386 -19.20 14.17 -13.98
CA ALA B 386 -20.25 14.04 -15.02
C ALA B 386 -20.95 15.38 -15.25
N LYS B 387 -21.13 16.19 -14.20
CA LYS B 387 -21.81 17.50 -14.27
C LYS B 387 -20.88 18.51 -14.95
N GLU B 388 -19.56 18.30 -14.84
CA GLU B 388 -18.55 19.30 -15.30
C GLU B 388 -18.07 18.96 -16.71
N PHE B 389 -17.98 17.68 -17.06
CA PHE B 389 -17.39 17.22 -18.35
C PHE B 389 -18.45 16.47 -19.17
N GLU B 390 -18.40 16.71 -20.48
CA GLU B 390 -19.39 16.21 -21.47
C GLU B 390 -19.36 14.68 -21.51
N LYS B 391 -18.14 14.14 -21.59
CA LYS B 391 -17.89 12.67 -21.67
C LYS B 391 -17.00 12.27 -20.50
N VAL B 392 -17.48 11.36 -19.66
CA VAL B 392 -16.73 10.80 -18.50
C VAL B 392 -16.69 9.28 -18.67
N ALA B 393 -15.49 8.71 -18.61
CA ALA B 393 -15.25 7.25 -18.60
C ALA B 393 -15.02 6.81 -17.16
N VAL B 394 -15.61 5.69 -16.77
CA VAL B 394 -15.32 5.01 -15.48
C VAL B 394 -14.69 3.66 -15.80
N TYR B 395 -13.45 3.43 -15.38
CA TYR B 395 -12.78 2.12 -15.44
C TYR B 395 -12.93 1.48 -14.07
N MET B 396 -13.52 0.30 -13.98
CA MET B 396 -13.80 -0.32 -12.66
C MET B 396 -13.32 -1.77 -12.66
N SER B 397 -12.64 -2.15 -11.58
CA SER B 397 -12.24 -3.54 -11.26
C SER B 397 -12.72 -3.85 -9.85
N SER B 398 -13.45 -4.94 -9.69
CA SER B 398 -14.02 -5.36 -8.41
C SER B 398 -13.94 -6.89 -8.33
N PHE B 399 -13.42 -7.43 -7.23
CA PHE B 399 -13.26 -8.88 -7.01
C PHE B 399 -12.91 -9.12 -5.55
N THR B 400 -13.31 -10.28 -5.02
CA THR B 400 -12.73 -10.87 -3.79
C THR B 400 -11.27 -11.18 -4.07
N PRO B 401 -10.29 -10.53 -3.41
CA PRO B 401 -8.89 -10.89 -3.59
C PRO B 401 -8.68 -12.34 -3.15
N LEU B 402 -7.73 -13.00 -3.78
CA LEU B 402 -7.44 -14.45 -3.63
C LEU B 402 -7.32 -14.80 -2.15
N MET B 403 -6.49 -14.05 -1.40
CA MET B 403 -6.17 -14.35 0.03
C MET B 403 -7.45 -14.37 0.87
N HIS B 404 -8.52 -13.67 0.44
CA HIS B 404 -9.79 -13.57 1.21
C HIS B 404 -10.72 -14.74 0.88
N ASN B 405 -10.46 -15.47 -0.21
CA ASN B 405 -11.05 -16.81 -0.45
C ASN B 405 -10.44 -17.82 0.54
N ILE B 406 -9.13 -17.75 0.79
CA ILE B 406 -8.47 -18.63 1.81
C ILE B 406 -8.86 -18.15 3.23
N SER B 407 -8.84 -16.85 3.50
CA SER B 407 -9.03 -16.29 4.85
C SER B 407 -10.42 -16.61 5.39
N GLY B 408 -11.43 -16.66 4.51
CA GLY B 408 -12.84 -16.75 4.94
C GLY B 408 -13.59 -15.44 4.72
N SER B 409 -12.89 -14.31 4.66
CA SER B 409 -13.49 -12.97 4.46
C SER B 409 -13.85 -12.73 2.99
N LYS B 410 -14.75 -13.57 2.45
CA LYS B 410 -15.09 -13.59 1.00
C LYS B 410 -15.88 -12.33 0.66
N TYR B 411 -16.38 -11.64 1.67
CA TYR B 411 -17.15 -10.38 1.57
C TYR B 411 -16.21 -9.19 1.28
N LYS B 412 -14.91 -9.37 1.45
CA LYS B 412 -13.96 -8.24 1.32
C LYS B 412 -13.61 -8.02 -0.16
N LYS B 413 -14.53 -7.44 -0.93
CA LYS B 413 -14.30 -7.06 -2.35
C LYS B 413 -13.37 -5.86 -2.36
N PHE B 414 -12.25 -5.98 -3.05
CA PHE B 414 -11.40 -4.83 -3.46
C PHE B 414 -12.14 -4.08 -4.58
N VAL B 415 -12.14 -2.75 -4.54
CA VAL B 415 -12.72 -1.88 -5.60
C VAL B 415 -11.62 -0.91 -6.01
N ALA B 416 -11.32 -0.87 -7.30
CA ALA B 416 -10.47 0.18 -7.90
C ALA B 416 -11.29 0.81 -9.01
N LYS B 417 -11.46 2.14 -8.97
CA LYS B 417 -12.19 2.86 -10.04
C LYS B 417 -11.34 4.06 -10.44
N ILE B 418 -11.13 4.21 -11.74
CA ILE B 418 -10.53 5.44 -12.32
C ILE B 418 -11.65 6.17 -13.05
N VAL B 419 -11.82 7.46 -12.77
CA VAL B 419 -12.75 8.37 -13.49
C VAL B 419 -11.89 9.25 -14.40
N THR B 420 -12.26 9.36 -15.69
CA THR B 420 -11.47 10.19 -16.65
C THR B 420 -12.40 11.16 -17.37
N ASN B 421 -11.83 12.26 -17.82
CA ASN B 421 -12.39 13.08 -18.91
C ASN B 421 -12.08 12.31 -20.19
N HIS B 422 -13.09 11.63 -20.78
CA HIS B 422 -12.93 10.67 -21.91
C HIS B 422 -12.57 11.36 -23.22
N SER B 423 -12.79 12.67 -23.34
CA SER B 423 -12.38 13.49 -24.50
C SER B 423 -10.86 13.43 -24.67
N ASP B 424 -10.09 13.42 -23.57
CA ASP B 424 -8.59 13.38 -23.64
C ASP B 424 -7.98 12.31 -22.72
N GLY B 425 -8.77 11.60 -21.92
CA GLY B 425 -8.27 10.48 -21.09
C GLY B 425 -7.65 10.92 -19.77
N THR B 426 -7.67 12.24 -19.48
CA THR B 426 -7.12 12.83 -18.23
C THR B 426 -7.86 12.22 -17.02
N VAL B 427 -7.09 11.73 -16.05
CA VAL B 427 -7.67 11.11 -14.82
C VAL B 427 -8.14 12.25 -13.92
N LEU B 428 -9.43 12.25 -13.59
CA LEU B 428 -10.11 13.23 -12.71
C LEU B 428 -10.18 12.70 -11.28
N GLY B 429 -10.30 11.38 -11.11
CA GLY B 429 -10.48 10.73 -9.81
C GLY B 429 -10.04 9.28 -9.80
N VAL B 430 -9.51 8.82 -8.66
CA VAL B 430 -9.16 7.40 -8.41
C VAL B 430 -9.69 7.03 -7.02
N HIS B 431 -10.41 5.93 -6.91
CA HIS B 431 -11.17 5.55 -5.70
C HIS B 431 -10.87 4.09 -5.41
N LEU B 432 -10.31 3.81 -4.25
CA LEU B 432 -9.90 2.44 -3.87
C LEU B 432 -10.59 2.07 -2.56
N LEU B 433 -11.07 0.84 -2.50
CA LEU B 433 -11.47 0.20 -1.24
C LEU B 433 -10.75 -1.14 -1.18
N GLY B 434 -10.12 -1.43 -0.05
CA GLY B 434 -9.49 -2.73 0.23
C GLY B 434 -8.14 -2.52 0.88
N ASP B 435 -7.55 -3.58 1.44
CA ASP B 435 -6.29 -3.51 2.20
C ASP B 435 -5.26 -2.75 1.36
N GLY B 436 -4.54 -1.79 1.95
CA GLY B 436 -3.47 -1.03 1.28
C GLY B 436 -3.96 0.23 0.60
N ALA B 437 -5.27 0.44 0.49
CA ALA B 437 -5.86 1.55 -0.33
C ALA B 437 -5.22 2.88 0.05
N PRO B 438 -5.04 3.24 1.34
CA PRO B 438 -4.42 4.51 1.73
C PRO B 438 -2.97 4.69 1.26
N GLU B 439 -2.21 3.59 1.24
CA GLU B 439 -0.79 3.46 0.79
C GLU B 439 -0.71 3.53 -0.75
N ILE B 440 -1.63 2.87 -1.46
CA ILE B 440 -1.68 2.88 -2.95
C ILE B 440 -1.93 4.31 -3.45
N ILE B 441 -2.85 5.04 -2.81
CA ILE B 441 -3.40 6.31 -3.37
C ILE B 441 -2.39 7.44 -3.30
N GLN B 442 -1.41 7.39 -2.38
CA GLN B 442 -0.43 8.49 -2.18
C GLN B 442 0.22 8.86 -3.52
N ALA B 443 0.89 7.89 -4.17
CA ALA B 443 1.62 8.15 -5.42
C ALA B 443 0.63 8.44 -6.54
N VAL B 444 -0.62 8.05 -6.40
CA VAL B 444 -1.69 8.43 -7.37
C VAL B 444 -1.89 9.96 -7.29
N GLY B 445 -1.81 10.53 -6.09
CA GLY B 445 -1.87 11.98 -5.92
C GLY B 445 -0.85 12.67 -6.79
N VAL B 446 0.35 12.10 -6.86
CA VAL B 446 1.46 12.71 -7.63
C VAL B 446 1.10 12.63 -9.12
N CYS B 447 0.51 11.50 -9.54
CA CYS B 447 0.11 11.23 -10.94
C CYS B 447 -0.88 12.31 -11.40
N LEU B 448 -1.91 12.60 -10.59
CA LEU B 448 -2.99 13.56 -10.91
C LEU B 448 -2.44 14.98 -10.94
N ARG B 449 -1.41 15.25 -10.15
CA ARG B 449 -0.70 16.55 -10.21
C ARG B 449 0.03 16.65 -11.55
N LEU B 450 0.52 15.53 -12.10
CA LEU B 450 1.23 15.48 -13.41
C LEU B 450 0.21 15.31 -14.56
N ASN B 451 -1.07 15.51 -14.32
CA ASN B 451 -2.15 15.33 -15.33
C ASN B 451 -2.08 13.95 -15.99
N ALA B 452 -1.84 12.89 -15.22
CA ALA B 452 -1.81 11.52 -15.77
C ALA B 452 -3.12 11.30 -16.55
N LYS B 453 -3.02 10.53 -17.63
CA LYS B 453 -4.16 9.97 -18.40
C LYS B 453 -4.25 8.47 -18.14
N ILE B 454 -5.33 7.84 -18.57
CA ILE B 454 -5.58 6.40 -18.28
C ILE B 454 -4.49 5.62 -19.03
N SER B 455 -4.05 6.11 -20.19
CA SER B 455 -2.95 5.51 -20.99
C SER B 455 -1.66 5.47 -20.16
N ASP B 456 -1.39 6.47 -19.32
CA ASP B 456 -0.17 6.52 -18.45
C ASP B 456 -0.24 5.41 -17.39
N PHE B 457 -1.45 5.12 -16.93
CA PHE B 457 -1.74 4.01 -15.98
C PHE B 457 -1.58 2.65 -16.68
N TYR B 458 -2.28 2.40 -17.80
N TYR B 458 -2.32 2.43 -17.78
CA TYR B 458 -2.31 1.04 -18.41
CA TYR B 458 -2.34 1.12 -18.50
C TYR B 458 -1.04 0.79 -19.22
C TYR B 458 -0.94 0.81 -19.01
N ASN B 459 -0.24 1.82 -19.54
CA ASN B 459 1.09 1.61 -20.17
C ASN B 459 2.16 1.38 -19.10
N THR B 460 1.85 1.64 -17.83
CA THR B 460 2.79 1.35 -16.74
C THR B 460 2.70 -0.14 -16.42
N ILE B 461 3.85 -0.77 -16.27
CA ILE B 461 3.95 -2.22 -15.99
C ILE B 461 3.56 -2.45 -14.52
N GLY B 462 2.66 -3.42 -14.30
CA GLY B 462 2.17 -3.82 -12.98
C GLY B 462 3.30 -4.36 -12.11
N VAL B 463 3.15 -4.22 -10.79
CA VAL B 463 3.85 -5.02 -9.75
C VAL B 463 2.90 -6.14 -9.37
N HIS B 464 3.35 -7.37 -9.44
CA HIS B 464 2.48 -8.55 -9.26
C HIS B 464 3.14 -9.45 -8.23
N PRO B 465 2.38 -10.04 -7.29
CA PRO B 465 0.94 -9.81 -7.13
C PRO B 465 0.62 -8.71 -6.12
N THR B 466 -0.15 -7.71 -6.55
CA THR B 466 -0.60 -6.59 -5.68
C THR B 466 -2.06 -6.25 -6.00
N SER B 467 -2.72 -5.55 -5.09
CA SER B 467 -4.00 -4.87 -5.43
C SER B 467 -3.71 -3.72 -6.39
N ALA B 468 -2.64 -2.96 -6.13
CA ALA B 468 -2.35 -1.72 -6.88
C ALA B 468 -2.31 -1.97 -8.39
N GLU B 469 -1.83 -3.13 -8.84
CA GLU B 469 -1.61 -3.38 -10.29
C GLU B 469 -2.95 -3.32 -11.02
N GLU B 470 -4.09 -3.49 -10.34
CA GLU B 470 -5.43 -3.28 -10.95
C GLU B 470 -5.48 -1.92 -11.65
N LEU B 471 -4.86 -0.91 -11.05
CA LEU B 471 -4.84 0.48 -11.60
C LEU B 471 -4.16 0.53 -12.96
N CYS B 472 -3.26 -0.43 -13.25
CA CYS B 472 -2.42 -0.44 -14.48
C CYS B 472 -2.87 -1.54 -15.45
N SER B 473 -4.03 -2.15 -15.20
CA SER B 473 -4.61 -3.28 -15.98
C SER B 473 -5.94 -2.89 -16.61
N MET B 474 -6.34 -1.61 -16.59
CA MET B 474 -7.67 -1.18 -17.05
C MET B 474 -7.50 -0.37 -18.34
N ARG B 475 -7.86 -1.02 -19.44
CA ARG B 475 -7.69 -0.62 -20.86
C ARG B 475 -9.00 0.02 -21.36
N THR B 476 -10.14 -0.46 -20.85
CA THR B 476 -11.49 -0.28 -21.45
C THR B 476 -12.49 0.20 -20.40
N PRO B 477 -13.20 1.32 -20.67
CA PRO B 477 -14.23 1.80 -19.75
C PRO B 477 -15.26 0.71 -19.40
N SER B 478 -15.71 0.64 -18.14
CA SER B 478 -16.84 -0.20 -17.66
C SER B 478 -18.17 0.46 -18.06
N TYR B 479 -18.23 1.79 -18.08
CA TYR B 479 -19.40 2.58 -18.54
C TYR B 479 -18.97 4.03 -18.71
N TYR B 480 -19.90 4.89 -19.10
CA TYR B 480 -19.64 6.32 -19.39
C TYR B 480 -20.74 7.17 -18.77
N TYR B 481 -20.45 8.44 -18.60
CA TYR B 481 -21.43 9.53 -18.48
C TYR B 481 -21.24 10.43 -19.69
N VAL B 482 -22.34 10.71 -20.38
CA VAL B 482 -22.37 11.61 -21.56
C VAL B 482 -23.40 12.70 -21.26
N LYS B 483 -22.96 13.95 -21.16
CA LYS B 483 -23.81 15.13 -20.83
C LYS B 483 -24.59 14.81 -19.55
N GLY B 484 -23.89 14.33 -18.51
CA GLY B 484 -24.47 14.01 -17.18
C GLY B 484 -25.26 12.71 -17.16
N GLU B 485 -25.46 12.02 -18.28
CA GLU B 485 -26.26 10.77 -18.31
C GLU B 485 -25.32 9.58 -18.38
N LYS B 486 -25.57 8.60 -17.52
CA LYS B 486 -24.85 7.30 -17.47
C LYS B 486 -25.25 6.44 -18.68
N MET B 487 -24.27 5.81 -19.33
CA MET B 487 -24.47 4.94 -20.53
C MET B 487 -23.82 3.58 -20.24
N GLU B 488 -24.53 2.63 -19.99
CA GLU B 488 -23.71 1.41 -20.24
C GLU B 488 -23.12 1.49 -21.65
#